data_6NVW
#
_entry.id   6NVW
#
_cell.length_a   58.238
_cell.length_b   77.961
_cell.length_c   84.086
_cell.angle_alpha   90.000
_cell.angle_beta   101.670
_cell.angle_gamma   90.000
#
_symmetry.space_group_name_H-M   'P 1 21 1'
#
loop_
_entity.id
_entity.type
_entity.pdbx_description
1 polymer 'Penicillin G acylase'
2 polymer 'Penicillin G acylase'
3 non-polymer 'CALCIUM ION'
4 water water
#
loop_
_entity_poly.entity_id
_entity_poly.type
_entity_poly.pdbx_seq_one_letter_code
_entity_poly.pdbx_strand_id
1 'polypeptide(L)'
;GEDKNEGVKVVRDNFGVPHLYAKNKKDLYEAYGYVMAKDRLFQLEMFRRGNEGTVSEIFGEDYLSKDEQSRRDGYSNKEI
KKMIDGLDRQPKELIAKFAEGISRYVNEALKDPDDKLSKEFHEYQFLPQKWTSTDVVRVYMVSMTYFMDNHQELKNAEIL
AKLEHEYGTEVSRKMFDDLVWKNDPSAPTSIVSEGKPKRDSSSQSLQILS
;
A
2 'polypeptide(L)'
;SNAAIVGSEKSATGNALLFSGPQVGFVAPGFLYEVGLHAPGFDMEGSGFIGYPFIMFGANNHFALSATAGYGNVTDIFEE
KLNAKNSSQYLYKGKWRDMEKRKESFTVKGDNGEKKTVEKIYYRTVHGPVISRDETNKVAYSKSWSFRGTEAQSMSAYMK
ANWAKNLKEFENAASEYTMSLNWYYADKKGDIAYYHVGRYPVRNSKIDERIPTPGTGEYEWKGFIPFKENPHVINPKNGY
VVNWNNKPSKEWVNGEYSFYWGEDNRVQQYINGMEARGKVTLEDINEINYTASFAQLRANLFKQLLIDVLDKNKSTNGNY
IYLIEKLEEWNNLKEDENKDGYYDAGIAAFFDEWWNNLHDKLFMDELGDFYGITKEITDHRYGASLAYKILNKESTNYKW
VNVDQEKIIMESTNEVLAKLQSEKGLKAEKWRMPIKTMTFGEKSLIGIPHGYGSMTPIIEMNRGSENHYIEMTPTGPSGF
NITPPGQIGFVKKDGTISDHYDDQLVMFAEWKFKPYLFNKKDINKAAKNVSALNMSK
;
B
#
# COMPACT_ATOMS: atom_id res chain seq x y z
N ASP A 3 19.93 -24.42 -24.51
CA ASP A 3 19.73 -23.01 -24.21
C ASP A 3 19.21 -22.26 -25.44
N LYS A 4 18.49 -22.98 -26.30
CA LYS A 4 17.91 -22.38 -27.50
C LYS A 4 16.55 -22.95 -27.89
N ASN A 5 16.23 -24.20 -27.53
CA ASN A 5 14.92 -24.78 -27.85
C ASN A 5 13.87 -24.17 -26.94
N GLU A 6 12.63 -24.66 -27.07
CA GLU A 6 11.49 -24.00 -26.45
C GLU A 6 10.35 -25.00 -26.26
N GLY A 7 9.22 -24.50 -25.77
CA GLY A 7 8.01 -25.30 -25.61
C GLY A 7 7.35 -25.15 -24.24
N VAL A 8 6.18 -24.51 -24.19
CA VAL A 8 5.44 -24.33 -22.95
C VAL A 8 3.95 -24.56 -23.21
N LYS A 9 3.29 -25.28 -22.31
CA LYS A 9 1.85 -25.48 -22.35
C LYS A 9 1.16 -24.47 -21.45
N VAL A 10 0.00 -24.00 -21.87
CA VAL A 10 -0.77 -23.00 -21.13
C VAL A 10 -2.18 -23.54 -20.93
N VAL A 11 -2.57 -23.73 -19.67
CA VAL A 11 -3.90 -24.19 -19.31
C VAL A 11 -4.65 -23.01 -18.71
N ARG A 12 -5.79 -22.67 -19.29
CA ARG A 12 -6.63 -21.59 -18.79
C ARG A 12 -7.83 -22.17 -18.03
N ASP A 13 -7.99 -21.75 -16.78
CA ASP A 13 -9.06 -22.27 -15.95
C ASP A 13 -10.36 -21.52 -16.23
N ASN A 14 -11.42 -21.89 -15.49
CA ASN A 14 -12.72 -21.31 -15.69
C ASN A 14 -12.78 -19.82 -15.35
N PHE A 15 -11.71 -19.26 -14.78
CA PHE A 15 -11.62 -17.82 -14.55
C PHE A 15 -10.59 -17.15 -15.45
N GLY A 16 -9.99 -17.89 -16.38
CA GLY A 16 -9.04 -17.33 -17.31
C GLY A 16 -7.61 -17.24 -16.80
N VAL A 17 -7.33 -17.78 -15.63
CA VAL A 17 -5.96 -17.68 -15.09
C VAL A 17 -5.04 -18.61 -15.88
N PRO A 18 -3.90 -18.13 -16.38
CA PRO A 18 -3.00 -19.02 -17.14
C PRO A 18 -2.12 -19.82 -16.20
N HIS A 19 -2.17 -21.14 -16.33
CA HIS A 19 -1.32 -22.06 -15.57
C HIS A 19 -0.30 -22.64 -16.54
N LEU A 20 0.95 -22.21 -16.41
CA LEU A 20 1.98 -22.51 -17.40
C LEU A 20 2.81 -23.71 -16.98
N TYR A 21 3.23 -24.50 -17.97
CA TYR A 21 4.00 -25.71 -17.73
C TYR A 21 5.14 -25.76 -18.74
N ALA A 22 6.35 -25.47 -18.29
CA ALA A 22 7.53 -25.42 -19.13
C ALA A 22 8.44 -26.60 -18.84
N LYS A 23 9.54 -26.67 -19.57
CA LYS A 23 10.61 -27.63 -19.31
C LYS A 23 11.89 -26.93 -18.83
N ASN A 24 11.89 -25.60 -18.74
CA ASN A 24 12.99 -24.85 -18.15
C ASN A 24 12.47 -23.45 -17.88
N LYS A 25 13.21 -22.73 -17.03
CA LYS A 25 12.75 -21.40 -16.61
C LYS A 25 12.82 -20.39 -17.74
N LYS A 26 13.81 -20.50 -18.63
CA LYS A 26 13.90 -19.57 -19.76
C LYS A 26 12.60 -19.56 -20.57
N ASP A 27 12.04 -20.75 -20.81
CA ASP A 27 10.76 -20.82 -21.50
C ASP A 27 9.61 -20.39 -20.60
N LEU A 28 9.64 -20.80 -19.33
CA LEU A 28 8.58 -20.44 -18.40
C LEU A 28 8.41 -18.93 -18.32
N TYR A 29 9.51 -18.20 -18.18
CA TYR A 29 9.43 -16.76 -18.03
C TYR A 29 9.20 -16.05 -19.36
N GLU A 30 9.41 -16.72 -20.49
CA GLU A 30 9.01 -16.17 -21.77
C GLU A 30 7.49 -16.20 -21.90
N ALA A 31 6.89 -17.38 -21.69
CA ALA A 31 5.43 -17.47 -21.70
C ALA A 31 4.81 -16.61 -20.59
N TYR A 32 5.49 -16.50 -19.45
CA TYR A 32 5.00 -15.65 -18.36
C TYR A 32 4.71 -14.24 -18.87
N GLY A 33 5.67 -13.66 -19.59
CA GLY A 33 5.47 -12.33 -20.15
C GLY A 33 4.49 -12.29 -21.30
N TYR A 34 4.30 -13.41 -22.00
CA TYR A 34 3.37 -13.43 -23.12
C TYR A 34 1.92 -13.41 -22.63
N VAL A 35 1.55 -14.37 -21.79
CA VAL A 35 0.17 -14.45 -21.32
C VAL A 35 -0.23 -13.17 -20.63
N MET A 36 0.72 -12.47 -19.99
CA MET A 36 0.38 -11.23 -19.31
C MET A 36 0.14 -10.11 -20.30
N ALA A 37 0.99 -10.01 -21.33
CA ALA A 37 0.74 -9.02 -22.38
C ALA A 37 -0.57 -9.31 -23.09
N LYS A 38 -0.87 -10.59 -23.36
CA LYS A 38 -2.13 -10.94 -24.00
C LYS A 38 -3.32 -10.48 -23.17
N ASP A 39 -3.17 -10.46 -21.84
CA ASP A 39 -4.29 -10.13 -20.95
C ASP A 39 -4.33 -8.66 -20.58
N ARG A 40 -3.19 -7.98 -20.49
CA ARG A 40 -3.11 -6.65 -19.91
C ARG A 40 -2.21 -5.74 -20.75
N LEU A 41 -2.32 -5.81 -22.08
CA LEU A 41 -1.37 -5.12 -22.93
C LEU A 41 -1.45 -3.60 -22.73
N PHE A 42 -2.66 -3.04 -22.78
CA PHE A 42 -2.77 -1.59 -22.63
C PHE A 42 -2.36 -1.16 -21.23
N GLN A 43 -2.76 -1.92 -20.20
CA GLN A 43 -2.38 -1.58 -18.84
C GLN A 43 -0.86 -1.58 -18.68
N LEU A 44 -0.19 -2.59 -19.26
CA LEU A 44 1.26 -2.63 -19.20
C LEU A 44 1.87 -1.47 -19.99
N GLU A 45 1.35 -1.20 -21.19
CA GLU A 45 1.78 -0.03 -21.94
C GLU A 45 1.74 1.22 -21.07
N MET A 46 0.60 1.46 -20.42
CA MET A 46 0.41 2.71 -19.70
C MET A 46 1.19 2.76 -18.39
N PHE A 47 1.42 1.60 -17.76
CA PHE A 47 2.24 1.59 -16.55
C PHE A 47 3.70 1.89 -16.89
N ARG A 48 4.19 1.33 -18.01
CA ARG A 48 5.53 1.70 -18.46
C ARG A 48 5.58 3.19 -18.79
N ARG A 49 4.56 3.71 -19.46
CA ARG A 49 4.53 5.13 -19.79
C ARG A 49 4.56 5.99 -18.53
N GLY A 50 3.99 5.50 -17.44
CA GLY A 50 3.99 6.27 -16.20
C GLY A 50 5.39 6.54 -15.70
N ASN A 51 6.23 5.51 -15.64
CA ASN A 51 7.60 5.70 -15.18
C ASN A 51 8.46 6.37 -16.24
N GLU A 52 8.19 6.10 -17.52
CA GLU A 52 8.97 6.69 -18.59
C GLU A 52 8.73 8.18 -18.75
N GLY A 53 7.64 8.69 -18.18
CA GLY A 53 7.28 10.09 -18.37
C GLY A 53 6.72 10.36 -19.75
N THR A 54 5.89 9.47 -20.27
CA THR A 54 5.38 9.56 -21.63
C THR A 54 3.85 9.51 -21.70
N VAL A 55 3.16 9.69 -20.57
CA VAL A 55 1.71 9.59 -20.57
C VAL A 55 1.08 10.80 -21.26
N SER A 56 1.75 11.95 -21.23
CA SER A 56 1.21 13.14 -21.87
C SER A 56 1.11 12.99 -23.38
N GLU A 57 1.92 12.11 -23.98
CA GLU A 57 1.78 11.84 -25.40
C GLU A 57 0.38 11.36 -25.75
N ILE A 58 -0.27 10.68 -24.82
CA ILE A 58 -1.53 9.99 -25.09
C ILE A 58 -2.72 10.72 -24.49
N PHE A 59 -2.59 11.22 -23.26
CA PHE A 59 -3.73 11.76 -22.52
C PHE A 59 -3.65 13.25 -22.24
N GLY A 60 -2.66 13.94 -22.79
CA GLY A 60 -2.65 15.39 -22.74
C GLY A 60 -1.95 15.98 -21.54
N GLU A 61 -2.06 17.32 -21.45
CA GLU A 61 -1.30 18.09 -20.47
C GLU A 61 -1.76 17.87 -19.04
N ASP A 62 -2.87 17.16 -18.82
CA ASP A 62 -3.29 16.87 -17.45
C ASP A 62 -2.24 16.05 -16.72
N TYR A 63 -1.47 15.23 -17.44
CA TYR A 63 -0.50 14.33 -16.83
C TYR A 63 0.94 14.77 -17.06
N LEU A 64 1.14 16.03 -17.46
CA LEU A 64 2.49 16.54 -17.63
C LEU A 64 3.23 16.56 -16.30
N SER A 65 2.59 17.08 -15.25
CA SER A 65 3.23 17.14 -13.94
C SER A 65 3.68 15.76 -13.49
N LYS A 66 2.87 14.73 -13.75
CA LYS A 66 3.24 13.37 -13.38
C LYS A 66 4.43 12.88 -14.22
N ASP A 67 4.38 13.09 -15.54
CA ASP A 67 5.52 12.75 -16.38
C ASP A 67 6.77 13.51 -15.97
N GLU A 68 6.61 14.76 -15.51
CA GLU A 68 7.75 15.55 -15.09
C GLU A 68 8.37 15.01 -13.81
N GLN A 69 7.56 14.44 -12.92
CA GLN A 69 8.07 13.96 -11.64
C GLN A 69 8.77 12.61 -11.80
N SER A 70 8.23 11.73 -12.64
CA SER A 70 8.82 10.40 -12.81
C SER A 70 10.15 10.46 -13.51
N ARG A 71 10.45 11.53 -14.23
CA ARG A 71 11.73 11.65 -14.91
C ARG A 71 12.77 12.40 -14.09
N ARG A 72 12.36 13.44 -13.35
CA ARG A 72 13.32 14.15 -12.52
C ARG A 72 13.82 13.28 -11.38
N ASP A 73 13.00 12.34 -10.92
CA ASP A 73 13.39 11.38 -9.89
C ASP A 73 13.78 10.03 -10.46
N GLY A 74 13.52 9.77 -11.73
CA GLY A 74 13.75 8.47 -12.33
C GLY A 74 15.16 8.29 -12.84
N TYR A 75 15.30 7.41 -13.82
CA TYR A 75 16.59 7.09 -14.42
C TYR A 75 16.45 7.10 -15.93
N SER A 76 17.59 7.27 -16.61
CA SER A 76 17.64 7.14 -18.05
C SER A 76 17.63 5.66 -18.44
N ASN A 77 17.59 5.40 -19.75
CA ASN A 77 17.69 4.03 -20.24
C ASN A 77 19.08 3.47 -19.96
N LYS A 78 20.12 4.24 -20.27
CA LYS A 78 21.49 3.80 -20.00
C LYS A 78 21.69 3.51 -18.52
N GLU A 79 21.13 4.34 -17.63
CA GLU A 79 21.25 4.11 -16.20
C GLU A 79 20.58 2.80 -15.81
N ILE A 80 19.41 2.50 -16.40
CA ILE A 80 18.74 1.24 -16.09
C ILE A 80 19.49 0.07 -16.71
N LYS A 81 19.88 0.19 -17.99
CA LYS A 81 20.65 -0.88 -18.62
C LYS A 81 21.91 -1.17 -17.82
N LYS A 82 22.58 -0.13 -17.32
CA LYS A 82 23.75 -0.34 -16.48
C LYS A 82 23.39 -1.13 -15.23
N MET A 83 22.22 -0.87 -14.64
CA MET A 83 21.85 -1.52 -13.38
C MET A 83 21.32 -2.94 -13.62
N ILE A 84 20.67 -3.18 -14.76
CA ILE A 84 20.33 -4.55 -15.13
C ILE A 84 21.59 -5.36 -15.38
N ASP A 85 22.60 -4.73 -15.98
CA ASP A 85 23.86 -5.42 -16.26
C ASP A 85 24.57 -5.86 -15.00
N GLY A 86 24.25 -5.26 -13.85
CA GLY A 86 24.84 -5.63 -12.59
C GLY A 86 24.13 -6.75 -11.86
N LEU A 87 23.19 -7.43 -12.51
CA LEU A 87 22.45 -8.53 -11.89
C LEU A 87 23.19 -9.85 -12.09
N ASP A 88 22.81 -10.84 -11.27
CA ASP A 88 23.30 -12.19 -11.47
C ASP A 88 22.83 -12.72 -12.82
N ARG A 89 23.50 -13.77 -13.29
CA ARG A 89 23.25 -14.27 -14.64
C ARG A 89 21.78 -14.63 -14.83
N GLN A 90 21.26 -15.53 -13.98
CA GLN A 90 19.92 -16.05 -14.22
C GLN A 90 18.86 -14.96 -14.16
N PRO A 91 18.75 -14.16 -13.11
CA PRO A 91 17.70 -13.11 -13.11
C PRO A 91 17.76 -12.22 -14.33
N LYS A 92 18.96 -11.85 -14.77
CA LYS A 92 19.11 -10.99 -15.94
C LYS A 92 18.51 -11.62 -17.19
N GLU A 93 18.72 -12.93 -17.37
CA GLU A 93 18.25 -13.60 -18.58
C GLU A 93 16.75 -13.87 -18.54
N LEU A 94 16.21 -14.24 -17.38
CA LEU A 94 14.79 -14.50 -17.28
C LEU A 94 13.97 -13.22 -17.42
N ILE A 95 14.51 -12.09 -16.93
CA ILE A 95 13.87 -10.81 -17.18
C ILE A 95 13.86 -10.51 -18.67
N ALA A 96 14.96 -10.80 -19.36
CA ALA A 96 15.02 -10.58 -20.80
C ALA A 96 14.00 -11.44 -21.53
N LYS A 97 13.96 -12.74 -21.21
CA LYS A 97 12.95 -13.61 -21.81
C LYS A 97 11.54 -13.14 -21.47
N PHE A 98 11.35 -12.56 -20.29
CA PHE A 98 10.06 -11.97 -19.95
C PHE A 98 9.69 -10.86 -20.92
N ALA A 99 10.63 -9.94 -21.18
CA ALA A 99 10.39 -8.90 -22.16
C ALA A 99 10.15 -9.49 -23.54
N GLU A 100 10.87 -10.57 -23.88
CA GLU A 100 10.63 -11.25 -25.15
C GLU A 100 9.20 -11.77 -25.23
N GLY A 101 8.70 -12.35 -24.12
CA GLY A 101 7.34 -12.83 -24.11
C GLY A 101 6.34 -11.72 -24.38
N ILE A 102 6.49 -10.59 -23.69
CA ILE A 102 5.65 -9.43 -23.96
C ILE A 102 5.79 -9.02 -25.41
N SER A 103 7.04 -8.85 -25.88
CA SER A 103 7.26 -8.44 -27.26
C SER A 103 6.66 -9.45 -28.23
N ARG A 104 6.66 -10.73 -27.89
CA ARG A 104 6.05 -11.74 -28.76
C ARG A 104 4.59 -11.38 -29.05
N TYR A 105 3.84 -11.00 -28.02
CA TYR A 105 2.43 -10.68 -28.22
C TYR A 105 2.25 -9.34 -28.90
N VAL A 106 3.07 -8.35 -28.56
CA VAL A 106 3.02 -7.06 -29.23
C VAL A 106 3.06 -7.25 -30.75
N ASN A 107 4.04 -8.03 -31.22
CA ASN A 107 4.08 -8.37 -32.64
C ASN A 107 2.78 -9.03 -33.09
N GLU A 108 2.30 -10.00 -32.31
CA GLU A 108 1.09 -10.72 -32.68
C GLU A 108 -0.10 -9.78 -32.79
N ALA A 109 -0.17 -8.77 -31.93
CA ALA A 109 -1.28 -7.83 -31.97
C ALA A 109 -1.19 -6.90 -33.17
N LEU A 110 0.01 -6.39 -33.46
CA LEU A 110 0.19 -5.49 -34.59
C LEU A 110 -0.12 -6.17 -35.92
N LYS A 111 -0.03 -7.50 -35.97
CA LYS A 111 -0.37 -8.23 -37.19
C LYS A 111 -1.86 -8.50 -37.32
N ASP A 112 -2.60 -8.49 -36.21
CA ASP A 112 -4.05 -8.67 -36.20
C ASP A 112 -4.67 -7.61 -35.30
N PRO A 113 -4.53 -6.33 -35.68
CA PRO A 113 -4.91 -5.25 -34.75
C PRO A 113 -6.39 -5.25 -34.39
N ASP A 114 -7.27 -5.62 -35.32
CA ASP A 114 -8.70 -5.55 -35.05
C ASP A 114 -9.10 -6.51 -33.94
N ASP A 115 -8.46 -7.68 -33.88
CA ASP A 115 -8.87 -8.73 -32.96
C ASP A 115 -7.97 -8.90 -31.74
N LYS A 116 -6.72 -8.46 -31.80
CA LYS A 116 -5.76 -8.71 -30.73
C LYS A 116 -5.14 -7.43 -30.17
N LEU A 117 -5.64 -6.26 -30.56
CA LEU A 117 -5.19 -4.99 -30.02
C LEU A 117 -6.38 -4.34 -29.31
N SER A 118 -6.20 -4.02 -28.02
CA SER A 118 -7.30 -3.56 -27.20
C SER A 118 -7.91 -2.27 -27.75
N LYS A 119 -9.13 -1.97 -27.29
CA LYS A 119 -9.87 -0.82 -27.80
C LYS A 119 -9.20 0.49 -27.46
N GLU A 120 -8.45 0.55 -26.36
CA GLU A 120 -7.81 1.81 -25.97
C GLU A 120 -6.81 2.26 -27.03
N PHE A 121 -6.07 1.32 -27.61
CA PHE A 121 -5.13 1.68 -28.67
C PHE A 121 -5.87 2.24 -29.89
N HIS A 122 -7.04 1.67 -30.20
CA HIS A 122 -7.82 2.17 -31.33
C HIS A 122 -8.41 3.54 -31.02
N GLU A 123 -8.97 3.72 -29.83
CA GLU A 123 -9.60 4.99 -29.49
C GLU A 123 -8.58 6.13 -29.49
N TYR A 124 -7.47 5.95 -28.77
CA TYR A 124 -6.41 6.95 -28.70
C TYR A 124 -5.37 6.77 -29.80
N GLN A 125 -5.71 6.03 -30.87
CA GLN A 125 -4.85 5.72 -32.00
C GLN A 125 -3.35 5.90 -31.72
N PHE A 126 -2.76 4.92 -31.06
CA PHE A 126 -1.32 4.76 -31.00
C PHE A 126 -1.03 3.27 -30.89
N LEU A 127 0.22 2.91 -31.10
CA LEU A 127 0.58 1.50 -31.14
C LEU A 127 1.48 1.12 -29.97
N PRO A 128 1.35 -0.09 -29.43
CA PRO A 128 2.26 -0.52 -28.37
C PRO A 128 3.68 -0.69 -28.89
N GLN A 129 4.64 -0.36 -28.04
CA GLN A 129 6.05 -0.49 -28.35
C GLN A 129 6.55 -1.86 -27.93
N LYS A 130 7.69 -2.27 -28.48
CA LYS A 130 8.33 -3.50 -28.04
C LYS A 130 8.94 -3.29 -26.66
N TRP A 131 9.29 -4.40 -26.02
CA TRP A 131 9.70 -4.40 -24.61
C TRP A 131 11.08 -5.01 -24.47
N THR A 132 11.95 -4.30 -23.76
CA THR A 132 13.25 -4.81 -23.33
C THR A 132 13.24 -4.95 -21.81
N SER A 133 14.37 -5.41 -21.27
CA SER A 133 14.48 -5.57 -19.83
C SER A 133 14.35 -4.23 -19.11
N THR A 134 14.75 -3.14 -19.76
CA THR A 134 14.55 -1.81 -19.19
C THR A 134 13.07 -1.53 -18.95
N ASP A 135 12.23 -1.86 -19.92
CA ASP A 135 10.80 -1.60 -19.80
C ASP A 135 10.20 -2.38 -18.64
N VAL A 136 10.64 -3.63 -18.44
CA VAL A 136 10.15 -4.42 -17.33
C VAL A 136 10.53 -3.77 -16.00
N VAL A 137 11.77 -3.27 -15.90
CA VAL A 137 12.20 -2.61 -14.68
C VAL A 137 11.41 -1.33 -14.45
N ARG A 138 11.12 -0.59 -15.53
CA ARG A 138 10.35 0.64 -15.39
C ARG A 138 8.95 0.35 -14.88
N VAL A 139 8.32 -0.71 -15.37
CA VAL A 139 6.98 -1.08 -14.91
C VAL A 139 7.03 -1.53 -13.45
N TYR A 140 8.19 -2.01 -13.00
CA TYR A 140 8.36 -2.31 -11.58
C TYR A 140 8.53 -1.03 -10.78
N MET A 141 9.26 -0.07 -11.31
CA MET A 141 9.50 1.18 -10.58
C MET A 141 8.23 2.02 -10.49
N VAL A 142 7.37 1.97 -11.50
CA VAL A 142 6.22 2.87 -11.54
C VAL A 142 5.33 2.66 -10.32
N SER A 143 5.21 1.41 -9.86
CA SER A 143 4.36 1.08 -8.72
C SER A 143 5.16 0.96 -7.42
N MET A 144 6.14 0.07 -7.38
CA MET A 144 6.81 -0.23 -6.12
C MET A 144 7.40 1.03 -5.49
N THR A 145 7.93 1.96 -6.31
CA THR A 145 8.53 3.16 -5.75
C THR A 145 7.49 4.12 -5.18
N TYR A 146 6.24 4.03 -5.64
CA TYR A 146 5.19 4.87 -5.08
C TYR A 146 4.99 4.61 -3.60
N PHE A 147 5.29 3.39 -3.14
CA PHE A 147 5.07 3.01 -1.75
C PHE A 147 6.23 3.40 -0.84
N MET A 148 7.34 3.89 -1.40
CA MET A 148 8.45 4.40 -0.62
C MET A 148 8.75 5.87 -0.87
N ASP A 149 8.31 6.42 -2.00
CA ASP A 149 8.61 7.80 -2.35
C ASP A 149 7.61 8.75 -1.71
N ASN A 150 8.13 9.84 -1.15
CA ASN A 150 7.28 10.83 -0.48
C ASN A 150 8.16 12.01 -0.08
N HIS A 151 7.51 13.07 0.38
CA HIS A 151 8.20 14.21 0.98
C HIS A 151 7.46 14.66 2.24
N GLN A 152 6.97 13.69 3.01
CA GLN A 152 6.26 14.01 4.25
C GLN A 152 7.13 14.84 5.19
N GLU A 153 8.45 14.70 5.09
CA GLU A 153 9.34 15.53 5.90
C GLU A 153 9.09 17.00 5.65
N LEU A 154 8.87 17.40 4.39
CA LEU A 154 8.64 18.80 4.08
C LEU A 154 7.24 19.24 4.49
N LYS A 155 6.28 18.31 4.52
CA LYS A 155 4.97 18.63 5.06
C LYS A 155 5.03 18.81 6.57
N ASN A 156 5.87 18.02 7.26
CA ASN A 156 6.04 18.18 8.69
C ASN A 156 6.65 19.53 9.03
N ALA A 157 7.63 19.97 8.23
CA ALA A 157 8.23 21.28 8.45
C ALA A 157 7.25 22.40 8.19
N GLU A 158 6.31 22.20 7.25
CA GLU A 158 5.30 23.21 6.98
C GLU A 158 4.33 23.33 8.16
N ILE A 159 3.85 22.19 8.66
CA ILE A 159 2.95 22.20 9.81
C ILE A 159 3.63 22.88 11.00
N LEU A 160 4.91 22.55 11.24
CA LEU A 160 5.63 23.15 12.36
C LEU A 160 5.81 24.66 12.18
N ALA A 161 5.98 25.12 10.94
CA ALA A 161 6.18 26.55 10.72
C ALA A 161 4.90 27.33 10.94
N LYS A 162 3.79 26.89 10.34
CA LYS A 162 2.53 27.58 10.51
C LYS A 162 2.10 27.59 11.97
N LEU A 163 2.44 26.54 12.73
CA LEU A 163 2.14 26.54 14.16
C LEU A 163 3.07 27.48 14.91
N GLU A 164 4.26 27.76 14.38
CA GLU A 164 5.19 28.67 15.04
C GLU A 164 4.82 30.13 14.79
N HIS A 165 4.36 30.44 13.57
CA HIS A 165 3.89 31.78 13.27
C HIS A 165 2.58 32.10 13.96
N GLU A 166 1.93 31.13 14.59
CA GLU A 166 0.67 31.32 15.27
C GLU A 166 0.80 31.32 16.79
N TYR A 167 1.72 30.53 17.34
CA TYR A 167 1.79 30.34 18.79
C TYR A 167 3.17 30.52 19.39
N GLY A 168 4.19 30.80 18.57
CA GLY A 168 5.54 30.92 19.07
C GLY A 168 6.26 29.58 19.13
N THR A 169 7.58 29.65 19.31
CA THR A 169 8.40 28.45 19.23
C THR A 169 8.12 27.52 20.41
N GLU A 170 7.93 28.07 21.60
CA GLU A 170 7.71 27.24 22.78
C GLU A 170 6.49 26.36 22.62
N VAL A 171 5.32 26.97 22.39
CA VAL A 171 4.08 26.19 22.31
C VAL A 171 4.00 25.40 21.01
N SER A 172 4.61 25.89 19.93
CA SER A 172 4.46 25.24 18.63
C SER A 172 5.14 23.87 18.62
N ARG A 173 6.30 23.75 19.26
CA ARG A 173 7.00 22.47 19.28
CA ARG A 173 7.00 22.47 19.28
C ARG A 173 6.25 21.44 20.11
N LYS A 174 5.54 21.88 21.15
CA LYS A 174 4.75 20.95 21.97
C LYS A 174 3.64 20.31 21.14
N MET A 175 2.86 21.13 20.43
CA MET A 175 1.85 20.60 19.54
C MET A 175 2.45 19.64 18.52
N PHE A 176 3.55 20.05 17.88
CA PHE A 176 4.16 19.23 16.85
C PHE A 176 4.60 17.87 17.41
N ASP A 177 5.19 17.87 18.62
CA ASP A 177 5.59 16.60 19.22
C ASP A 177 4.39 15.72 19.52
N ASP A 178 3.19 16.31 19.71
CA ASP A 178 1.98 15.52 19.85
C ASP A 178 1.44 15.09 18.50
N LEU A 179 1.49 15.98 17.50
CA LEU A 179 1.00 15.65 16.17
C LEU A 179 1.91 14.64 15.48
N VAL A 180 3.17 15.00 15.27
CA VAL A 180 4.17 14.10 14.70
C VAL A 180 5.11 13.65 15.81
N TRP A 181 4.70 12.63 16.56
CA TRP A 181 5.42 12.26 17.77
C TRP A 181 6.70 11.51 17.44
N LYS A 182 7.54 11.35 18.47
CA LYS A 182 8.82 10.69 18.31
C LYS A 182 8.81 9.21 18.71
N ASN A 183 7.82 8.77 19.49
CA ASN A 183 7.86 7.43 20.06
C ASN A 183 6.50 6.75 20.13
N ASP A 184 5.65 7.20 21.05
CA ASP A 184 4.38 6.54 21.35
C ASP A 184 4.65 5.09 21.78
N PRO A 185 4.94 4.86 23.06
CA PRO A 185 5.33 3.51 23.49
C PRO A 185 4.19 2.52 23.59
N SER A 186 2.94 2.94 23.42
CA SER A 186 1.79 2.06 23.53
C SER A 186 1.18 1.70 22.18
N ALA A 187 1.94 1.89 21.09
CA ALA A 187 1.42 1.57 19.77
C ALA A 187 1.39 0.07 19.56
N PRO A 188 0.33 -0.48 18.97
CA PRO A 188 0.32 -1.92 18.66
C PRO A 188 1.47 -2.27 17.72
N THR A 189 2.05 -3.45 17.93
CA THR A 189 3.15 -3.93 17.11
C THR A 189 2.83 -5.30 16.52
N SER A 190 3.55 -5.64 15.45
CA SER A 190 3.42 -6.96 14.85
C SER A 190 4.29 -7.99 15.57
N ILE A 191 5.46 -7.56 16.05
CA ILE A 191 6.36 -8.43 16.80
C ILE A 191 6.08 -8.24 18.28
N VAL A 192 6.01 -9.34 19.02
CA VAL A 192 5.67 -9.29 20.44
C VAL A 192 6.46 -10.33 21.24
N SER A 193 6.48 -11.58 20.76
CA SER A 193 6.89 -12.73 21.59
C SER A 193 7.91 -13.61 20.87
N GLU A 194 9.11 -13.06 20.66
CA GLU A 194 10.28 -13.82 20.21
C GLU A 194 9.98 -14.93 19.22
N SER B 1 -2.78 -2.14 3.62
CA SER B 1 -2.45 -3.56 3.33
C SER B 1 -2.37 -4.37 4.62
N ASN B 2 -3.11 -5.46 4.69
CA ASN B 2 -3.11 -6.34 5.85
C ASN B 2 -2.60 -7.73 5.47
N ALA B 3 -2.26 -8.51 6.48
CA ALA B 3 -1.74 -9.87 6.28
C ALA B 3 -1.79 -10.59 7.63
N ALA B 4 -1.60 -11.90 7.58
CA ALA B 4 -1.60 -12.71 8.80
C ALA B 4 -0.99 -14.07 8.51
N ILE B 5 -0.04 -14.48 9.37
CA ILE B 5 0.56 -15.81 9.32
C ILE B 5 0.40 -16.45 10.69
N VAL B 6 0.15 -17.75 10.71
CA VAL B 6 -0.21 -18.47 11.94
C VAL B 6 0.67 -19.70 12.06
N GLY B 7 1.20 -19.92 13.27
CA GLY B 7 2.02 -21.07 13.53
C GLY B 7 1.22 -22.33 13.76
N SER B 8 1.93 -23.46 13.74
CA SER B 8 1.26 -24.76 13.93
CA SER B 8 1.26 -24.76 13.93
C SER B 8 0.52 -24.82 15.25
N GLU B 9 1.12 -24.27 16.32
CA GLU B 9 0.48 -24.34 17.64
C GLU B 9 -0.77 -23.48 17.70
N LYS B 10 -0.78 -22.35 16.98
CA LYS B 10 -1.93 -21.46 16.93
C LYS B 10 -2.93 -21.83 15.85
N SER B 11 -2.61 -22.79 15.00
CA SER B 11 -3.49 -23.25 13.93
C SER B 11 -4.27 -24.47 14.39
N ALA B 12 -5.57 -24.49 14.08
CA ALA B 12 -6.42 -25.61 14.48
C ALA B 12 -6.00 -26.89 13.77
N THR B 13 -5.95 -26.85 12.44
CA THR B 13 -5.56 -28.01 11.65
C THR B 13 -4.12 -28.44 11.94
N GLY B 14 -3.34 -27.63 12.63
CA GLY B 14 -1.96 -27.91 12.92
C GLY B 14 -0.98 -27.34 11.92
N ASN B 15 -1.42 -27.14 10.68
CA ASN B 15 -0.57 -26.61 9.63
C ASN B 15 -0.54 -25.09 9.68
N ALA B 16 0.55 -24.52 9.18
CA ALA B 16 0.69 -23.07 9.15
C ALA B 16 -0.30 -22.45 8.18
N LEU B 17 -0.74 -21.23 8.50
CA LEU B 17 -1.67 -20.49 7.67
C LEU B 17 -1.01 -19.22 7.17
N LEU B 18 -1.56 -18.68 6.07
CA LEU B 18 -1.13 -17.39 5.56
C LEU B 18 -2.34 -16.71 4.92
N PHE B 19 -2.42 -15.40 5.08
CA PHE B 19 -3.55 -14.61 4.58
C PHE B 19 -3.02 -13.33 3.98
N SER B 20 -3.41 -13.05 2.73
CA SER B 20 -2.95 -11.88 2.00
C SER B 20 -4.07 -10.85 1.88
N GLY B 21 -3.67 -9.57 1.84
CA GLY B 21 -4.62 -8.48 1.74
C GLY B 21 -3.96 -7.16 1.39
N PRO B 22 -3.33 -7.09 0.23
CA PRO B 22 -2.72 -5.82 -0.20
C PRO B 22 -3.78 -4.82 -0.63
N GLN B 23 -3.70 -3.62 -0.06
CA GLN B 23 -4.63 -2.55 -0.39
C GLN B 23 -3.94 -1.64 -1.41
N VAL B 24 -4.06 -1.99 -2.69
CA VAL B 24 -3.52 -1.20 -3.78
C VAL B 24 -4.64 -0.61 -4.63
N GLY B 25 -5.84 -0.48 -4.08
CA GLY B 25 -6.96 0.11 -4.79
C GLY B 25 -7.72 -0.90 -5.62
N PHE B 26 -8.87 -0.45 -6.12
CA PHE B 26 -9.75 -1.25 -6.94
C PHE B 26 -9.89 -0.59 -8.31
N VAL B 27 -9.41 -1.27 -9.36
CA VAL B 27 -9.44 -0.76 -10.71
C VAL B 27 -9.68 -1.92 -11.66
N ALA B 28 -10.14 -1.58 -12.87
CA ALA B 28 -10.33 -2.56 -13.93
C ALA B 28 -9.65 -2.02 -15.19
N PRO B 29 -8.62 -2.70 -15.72
CA PRO B 29 -8.03 -3.96 -15.23
C PRO B 29 -7.43 -3.84 -13.83
N GLY B 30 -7.43 -4.94 -13.09
CA GLY B 30 -7.00 -4.91 -11.71
C GLY B 30 -5.52 -4.62 -11.56
N PHE B 31 -5.16 -4.20 -10.34
CA PHE B 31 -3.77 -3.89 -10.02
C PHE B 31 -2.91 -5.15 -9.90
N LEU B 32 -3.51 -6.33 -9.83
CA LEU B 32 -2.79 -7.57 -9.65
C LEU B 32 -2.99 -8.49 -10.85
N TYR B 33 -2.06 -9.42 -11.01
CA TYR B 33 -2.10 -10.41 -12.09
C TYR B 33 -1.86 -11.79 -11.51
N GLU B 34 -2.88 -12.63 -11.56
CA GLU B 34 -2.77 -14.02 -11.10
C GLU B 34 -2.14 -14.88 -12.19
N VAL B 35 -1.38 -15.88 -11.77
CA VAL B 35 -0.66 -16.75 -12.69
C VAL B 35 -0.34 -18.05 -12.01
N GLY B 36 -0.05 -19.08 -12.80
CA GLY B 36 0.44 -20.34 -12.30
C GLY B 36 1.70 -20.76 -13.03
N LEU B 37 2.81 -20.82 -12.31
CA LEU B 37 4.12 -21.11 -12.89
C LEU B 37 4.56 -22.51 -12.49
N HIS B 38 4.99 -23.30 -13.47
CA HIS B 38 5.40 -24.68 -13.23
C HIS B 38 6.56 -25.03 -14.14
N ALA B 39 7.45 -25.86 -13.63
CA ALA B 39 8.69 -26.26 -14.30
C ALA B 39 9.43 -27.25 -13.41
N PRO B 40 10.40 -27.99 -13.93
CA PRO B 40 11.15 -28.91 -13.06
C PRO B 40 11.71 -28.22 -11.83
N GLY B 41 11.26 -28.65 -10.66
CA GLY B 41 11.73 -28.07 -9.41
C GLY B 41 11.11 -26.75 -9.03
N PHE B 42 10.10 -26.30 -9.77
CA PHE B 42 9.51 -24.98 -9.53
C PHE B 42 8.02 -25.06 -9.82
N ASP B 43 7.21 -24.96 -8.77
CA ASP B 43 5.75 -24.93 -8.91
C ASP B 43 5.23 -23.85 -7.98
N MET B 44 4.81 -22.73 -8.54
CA MET B 44 4.34 -21.60 -7.74
C MET B 44 3.08 -21.03 -8.36
N GLU B 45 2.05 -20.84 -7.54
CA GLU B 45 0.78 -20.28 -7.97
C GLU B 45 0.42 -19.11 -7.06
N GLY B 46 0.05 -17.98 -7.66
CA GLY B 46 -0.32 -16.82 -6.88
C GLY B 46 -0.54 -15.62 -7.79
N SER B 47 -0.38 -14.44 -7.21
CA SER B 47 -0.57 -13.19 -7.93
C SER B 47 0.47 -12.17 -7.48
N GLY B 48 0.86 -11.29 -8.40
CA GLY B 48 1.73 -10.19 -8.09
C GLY B 48 1.23 -8.93 -8.75
N PHE B 49 1.84 -7.80 -8.39
CA PHE B 49 1.48 -6.53 -9.00
C PHE B 49 1.68 -6.62 -10.52
N ILE B 50 0.76 -5.98 -11.26
CA ILE B 50 0.84 -6.00 -12.72
C ILE B 50 2.22 -5.55 -13.15
N GLY B 51 2.88 -6.37 -13.98
CA GLY B 51 4.18 -6.06 -14.52
C GLY B 51 5.31 -6.89 -13.95
N TYR B 52 5.18 -7.36 -12.72
CA TYR B 52 6.30 -8.01 -12.05
C TYR B 52 6.44 -9.44 -12.54
N PRO B 53 7.66 -9.89 -12.90
CA PRO B 53 7.82 -11.28 -13.30
C PRO B 53 8.02 -12.22 -12.13
N PHE B 54 7.34 -11.94 -11.01
CA PHE B 54 7.43 -12.79 -9.83
C PHE B 54 6.12 -12.69 -9.07
N ILE B 55 5.85 -13.72 -8.27
CA ILE B 55 4.64 -13.80 -7.47
C ILE B 55 4.93 -13.28 -6.07
N MET B 56 4.04 -12.44 -5.56
CA MET B 56 4.16 -11.88 -4.22
C MET B 56 3.14 -12.44 -3.23
N PHE B 57 1.95 -12.79 -3.70
CA PHE B 57 0.91 -13.36 -2.85
C PHE B 57 0.55 -14.73 -3.39
N GLY B 58 0.95 -15.77 -2.69
CA GLY B 58 0.71 -17.13 -3.13
C GLY B 58 1.60 -18.10 -2.37
N ALA B 59 1.96 -19.19 -3.05
CA ALA B 59 2.78 -20.21 -2.43
C ALA B 59 3.46 -21.03 -3.51
N ASN B 60 4.63 -21.57 -3.16
CA ASN B 60 5.30 -22.58 -3.97
C ASN B 60 5.20 -23.92 -3.24
N ASN B 61 6.00 -24.89 -3.68
CA ASN B 61 5.92 -26.23 -3.07
C ASN B 61 6.26 -26.20 -1.59
N HIS B 62 7.05 -25.23 -1.14
CA HIS B 62 7.65 -25.28 0.18
C HIS B 62 7.09 -24.27 1.16
N PHE B 63 6.54 -23.15 0.70
CA PHE B 63 6.02 -22.16 1.63
C PHE B 63 5.06 -21.23 0.90
N ALA B 64 4.20 -20.60 1.70
CA ALA B 64 3.36 -19.51 1.25
C ALA B 64 3.99 -18.19 1.66
N LEU B 65 3.83 -17.17 0.82
CA LEU B 65 4.38 -15.86 1.10
C LEU B 65 3.35 -14.79 0.78
N SER B 66 3.54 -13.62 1.38
CA SER B 66 2.70 -12.46 1.13
C SER B 66 3.51 -11.23 1.50
N ALA B 67 2.97 -10.07 1.15
CA ALA B 67 3.65 -8.81 1.43
C ALA B 67 2.64 -7.74 1.78
N THR B 68 3.13 -6.68 2.41
CA THR B 68 2.33 -5.49 2.68
C THR B 68 3.23 -4.28 2.55
N ALA B 69 2.92 -3.41 1.59
CA ALA B 69 3.56 -2.12 1.52
C ALA B 69 3.05 -1.24 2.66
N GLY B 70 3.86 -0.31 3.09
CA GLY B 70 3.54 0.53 4.23
C GLY B 70 4.23 1.86 4.16
N TYR B 71 4.51 2.43 5.32
CA TYR B 71 5.07 3.77 5.42
C TYR B 71 6.37 3.74 6.21
N GLY B 72 7.33 2.94 5.73
CA GLY B 72 8.65 2.92 6.31
C GLY B 72 9.48 4.13 5.90
N ASN B 73 10.62 4.28 6.55
CA ASN B 73 11.47 5.46 6.38
C ASN B 73 12.71 5.06 5.57
N VAL B 74 12.59 5.14 4.25
CA VAL B 74 13.71 4.97 3.33
C VAL B 74 13.93 6.21 2.47
N THR B 75 13.22 7.30 2.76
CA THR B 75 13.30 8.53 1.99
C THR B 75 13.53 9.69 2.95
N ASP B 76 14.70 10.31 2.86
CA ASP B 76 15.03 11.48 3.66
C ASP B 76 15.16 12.70 2.75
N ILE B 77 14.67 13.84 3.24
CA ILE B 77 14.80 15.11 2.52
C ILE B 77 15.97 15.87 3.14
N PHE B 78 16.82 16.43 2.28
CA PHE B 78 17.97 17.22 2.71
C PHE B 78 17.77 18.67 2.32
N GLU B 79 17.99 19.57 3.28
CA GLU B 79 17.83 21.01 3.07
C GLU B 79 19.17 21.59 2.67
N GLU B 80 19.38 21.70 1.35
CA GLU B 80 20.63 22.23 0.84
C GLU B 80 20.68 23.74 1.06
N LYS B 81 21.89 24.24 1.32
CA LYS B 81 22.13 25.68 1.46
C LYS B 81 22.80 26.17 0.18
N LEU B 82 22.21 27.15 -0.46
CA LEU B 82 22.68 27.60 -1.77
C LEU B 82 23.67 28.75 -1.64
N ASN B 83 24.38 29.01 -2.73
CA ASN B 83 25.30 30.13 -2.81
C ASN B 83 24.53 31.36 -3.27
N ALA B 84 24.59 32.44 -2.47
CA ALA B 84 23.91 33.68 -2.85
C ALA B 84 24.39 34.19 -4.21
N LYS B 85 25.65 33.90 -4.56
CA LYS B 85 26.21 34.37 -5.82
C LYS B 85 25.96 33.41 -6.98
N ASN B 86 25.44 32.21 -6.72
CA ASN B 86 25.20 31.24 -7.78
C ASN B 86 24.18 30.23 -7.31
N SER B 87 22.97 30.28 -7.88
CA SER B 87 21.89 29.39 -7.45
C SER B 87 22.23 27.92 -7.68
N SER B 88 23.15 27.63 -8.60
CA SER B 88 23.47 26.25 -8.96
C SER B 88 24.55 25.64 -8.07
N GLN B 89 24.81 26.24 -6.90
CA GLN B 89 25.85 25.75 -6.00
C GLN B 89 25.33 25.70 -4.57
N TYR B 90 25.72 24.66 -3.86
CA TYR B 90 25.32 24.46 -2.48
C TYR B 90 26.56 24.18 -1.64
N LEU B 91 26.52 24.63 -0.39
CA LEU B 91 27.62 24.38 0.53
C LEU B 91 27.58 22.92 0.97
N TYR B 92 28.70 22.22 0.81
CA TYR B 92 28.79 20.81 1.18
C TYR B 92 30.22 20.54 1.60
N LYS B 93 30.44 20.37 2.91
CA LYS B 93 31.74 20.06 3.46
C LYS B 93 32.76 21.15 3.15
N GLY B 94 32.44 22.36 3.61
CA GLY B 94 33.37 23.47 3.56
C GLY B 94 33.69 24.00 2.18
N LYS B 95 32.92 23.64 1.17
CA LYS B 95 33.16 24.14 -0.18
C LYS B 95 31.86 24.17 -0.96
N TRP B 96 31.80 25.07 -1.93
CA TRP B 96 30.67 25.12 -2.84
C TRP B 96 30.75 23.97 -3.84
N ARG B 97 29.61 23.35 -4.11
CA ARG B 97 29.54 22.20 -5.00
C ARG B 97 28.50 22.46 -6.06
N ASP B 98 28.86 22.22 -7.31
CA ASP B 98 27.95 22.44 -8.44
C ASP B 98 26.95 21.30 -8.54
N MET B 99 25.67 21.65 -8.69
CA MET B 99 24.67 20.61 -8.88
C MET B 99 24.78 20.02 -10.28
N GLU B 100 24.10 18.89 -10.48
CA GLU B 100 23.96 18.30 -11.80
C GLU B 100 22.84 19.00 -12.56
N LYS B 101 22.97 19.00 -13.89
CA LYS B 101 21.97 19.60 -14.76
C LYS B 101 21.45 18.52 -15.70
N ARG B 102 20.15 18.28 -15.66
CA ARG B 102 19.50 17.26 -16.48
C ARG B 102 18.45 17.92 -17.35
N LYS B 103 18.60 17.79 -18.66
CA LYS B 103 17.64 18.32 -19.62
C LYS B 103 16.66 17.22 -19.99
N GLU B 104 15.36 17.54 -20.01
CA GLU B 104 14.33 16.57 -20.34
C GLU B 104 13.30 17.24 -21.24
N SER B 105 12.78 16.49 -22.20
CA SER B 105 11.76 16.96 -23.13
C SER B 105 10.56 16.02 -23.06
N PHE B 106 9.36 16.59 -23.03
CA PHE B 106 8.12 15.83 -22.96
C PHE B 106 7.23 16.18 -24.15
N THR B 107 6.79 15.16 -24.87
CA THR B 107 5.81 15.34 -25.94
C THR B 107 4.42 15.26 -25.33
N VAL B 108 3.56 16.21 -25.73
CA VAL B 108 2.24 16.37 -25.13
C VAL B 108 1.20 16.48 -26.24
N LYS B 109 0.11 15.72 -26.10
CA LYS B 109 -1.03 15.82 -27.01
C LYS B 109 -1.94 16.92 -26.47
N GLY B 110 -1.73 18.15 -26.95
CA GLY B 110 -2.47 19.29 -26.47
C GLY B 110 -3.96 19.21 -26.74
N ASP B 111 -4.65 20.33 -26.54
CA ASP B 111 -6.09 20.38 -26.71
C ASP B 111 -6.54 20.11 -28.15
N ASN B 112 -5.61 19.99 -29.09
CA ASN B 112 -5.93 19.95 -30.51
C ASN B 112 -5.46 18.67 -31.20
N GLY B 113 -5.20 17.61 -30.44
CA GLY B 113 -4.84 16.34 -31.04
C GLY B 113 -3.59 16.37 -31.88
N GLU B 114 -2.78 17.41 -31.76
CA GLU B 114 -1.49 17.51 -32.43
C GLU B 114 -0.40 17.65 -31.38
N LYS B 115 0.76 17.06 -31.66
CA LYS B 115 1.79 16.93 -30.64
C LYS B 115 2.35 18.28 -30.23
N LYS B 116 2.98 18.29 -29.05
CA LYS B 116 3.47 19.51 -28.43
C LYS B 116 4.61 19.11 -27.50
N THR B 117 5.75 19.78 -27.63
CA THR B 117 6.96 19.40 -26.90
C THR B 117 7.35 20.51 -25.95
N VAL B 118 7.53 20.15 -24.67
CA VAL B 118 7.92 21.08 -23.63
C VAL B 118 9.27 20.67 -23.09
N GLU B 119 10.12 21.66 -22.79
CA GLU B 119 11.47 21.43 -22.30
C GLU B 119 11.55 21.82 -20.83
N LYS B 120 12.13 20.94 -20.02
CA LYS B 120 12.31 21.17 -18.59
C LYS B 120 13.72 20.76 -18.20
N ILE B 121 14.23 21.40 -17.14
CA ILE B 121 15.58 21.15 -16.65
C ILE B 121 15.48 20.89 -15.15
N TYR B 122 15.94 19.71 -14.72
CA TYR B 122 15.94 19.33 -13.32
C TYR B 122 17.37 19.21 -12.83
N TYR B 123 17.59 19.58 -11.57
CA TYR B 123 18.91 19.55 -10.96
C TYR B 123 18.99 18.41 -9.96
N ARG B 124 20.20 17.89 -9.78
CA ARG B 124 20.48 16.84 -8.81
C ARG B 124 21.68 17.23 -7.97
N THR B 125 21.57 16.98 -6.67
CA THR B 125 22.65 17.23 -5.73
C THR B 125 23.34 15.91 -5.41
N VAL B 126 24.23 15.92 -4.42
CA VAL B 126 24.86 14.68 -3.98
C VAL B 126 23.83 13.78 -3.29
N HIS B 127 22.83 14.38 -2.63
CA HIS B 127 21.81 13.62 -1.93
C HIS B 127 20.72 13.09 -2.84
N GLY B 128 20.62 13.60 -4.08
CA GLY B 128 19.58 13.17 -4.98
C GLY B 128 18.97 14.32 -5.75
N PRO B 129 17.81 14.10 -6.36
CA PRO B 129 17.18 15.15 -7.17
C PRO B 129 16.57 16.25 -6.32
N VAL B 130 16.75 17.49 -6.78
CA VAL B 130 16.11 18.64 -6.16
C VAL B 130 14.61 18.62 -6.49
N ILE B 131 13.79 18.83 -5.47
CA ILE B 131 12.34 18.80 -5.64
C ILE B 131 11.69 20.14 -5.34
N SER B 132 12.37 21.06 -4.66
CA SER B 132 11.76 22.34 -4.29
C SER B 132 12.87 23.32 -3.98
N ARG B 133 12.54 24.61 -4.12
CA ARG B 133 13.45 25.70 -3.79
C ARG B 133 12.71 26.71 -2.93
N ASP B 134 13.45 27.68 -2.41
CA ASP B 134 12.91 28.66 -1.47
C ASP B 134 13.71 29.95 -1.64
N GLU B 135 13.10 30.93 -2.32
CA GLU B 135 13.74 32.22 -2.51
C GLU B 135 13.82 33.05 -1.23
N THR B 136 13.36 32.51 -0.09
CA THR B 136 13.43 33.18 1.21
C THR B 136 13.89 32.15 2.25
N ASN B 137 15.17 31.81 2.24
CA ASN B 137 16.17 32.39 1.33
C ASN B 137 17.35 31.44 1.14
N LYS B 138 17.80 31.33 -0.11
CA LYS B 138 19.01 30.59 -0.45
C LYS B 138 18.96 29.16 0.10
N VAL B 139 17.86 28.48 -0.18
CA VAL B 139 17.64 27.13 0.31
C VAL B 139 16.93 26.31 -0.76
N ALA B 140 17.33 25.04 -0.89
CA ALA B 140 16.70 24.09 -1.79
C ALA B 140 16.64 22.73 -1.11
N TYR B 141 15.71 21.89 -1.57
CA TYR B 141 15.44 20.61 -0.93
C TYR B 141 15.62 19.49 -1.94
N SER B 142 16.30 18.43 -1.51
CA SER B 142 16.58 17.27 -2.34
C SER B 142 16.13 16.01 -1.63
N LYS B 143 15.84 14.98 -2.42
CA LYS B 143 15.26 13.73 -1.92
C LYS B 143 16.30 12.62 -2.00
N SER B 144 16.58 11.99 -0.87
CA SER B 144 17.48 10.85 -0.80
C SER B 144 16.65 9.57 -0.71
N TRP B 145 16.74 8.74 -1.74
CA TRP B 145 16.21 7.40 -1.70
C TRP B 145 17.27 6.45 -1.14
N SER B 146 16.91 5.71 -0.10
CA SER B 146 17.80 4.69 0.43
C SER B 146 17.98 3.51 -0.50
N PHE B 147 17.26 3.47 -1.62
CA PHE B 147 17.30 2.36 -2.55
C PHE B 147 17.69 2.78 -3.97
N ARG B 148 18.11 4.03 -4.17
CA ARG B 148 18.38 4.52 -5.51
C ARG B 148 19.43 3.66 -6.19
N GLY B 149 19.14 3.25 -7.43
CA GLY B 149 20.03 2.40 -8.19
C GLY B 149 19.96 0.93 -7.87
N THR B 150 19.16 0.52 -6.88
CA THR B 150 19.07 -0.86 -6.47
C THR B 150 17.71 -1.48 -6.77
N GLU B 151 16.89 -0.82 -7.60
CA GLU B 151 15.57 -1.36 -7.92
C GLU B 151 15.69 -2.69 -8.66
N ALA B 152 16.67 -2.81 -9.55
CA ALA B 152 16.86 -4.06 -10.28
C ALA B 152 17.29 -5.19 -9.35
N GLN B 153 18.22 -4.90 -8.42
CA GLN B 153 18.64 -5.93 -7.48
C GLN B 153 17.48 -6.39 -6.60
N SER B 154 16.52 -5.51 -6.32
CA SER B 154 15.36 -5.91 -5.54
C SER B 154 14.42 -6.79 -6.35
N MET B 155 14.36 -6.57 -7.67
CA MET B 155 13.59 -7.48 -8.52
C MET B 155 14.13 -8.90 -8.41
N SER B 156 15.44 -9.07 -8.60
CA SER B 156 16.04 -10.39 -8.52
C SER B 156 15.85 -10.99 -7.12
N ALA B 157 15.95 -10.16 -6.09
CA ALA B 157 15.75 -10.67 -4.73
C ALA B 157 14.32 -11.19 -4.56
N TYR B 158 13.35 -10.52 -5.18
CA TYR B 158 11.97 -11.02 -5.12
C TYR B 158 11.82 -12.29 -5.95
N MET B 159 12.44 -12.33 -7.13
CA MET B 159 12.44 -13.54 -7.93
C MET B 159 13.15 -14.67 -7.20
N LYS B 160 14.27 -14.35 -6.54
CA LYS B 160 14.95 -15.35 -5.72
C LYS B 160 14.07 -15.84 -4.59
N ALA B 161 13.21 -14.97 -4.04
CA ALA B 161 12.24 -15.41 -3.05
C ALA B 161 11.31 -16.47 -3.65
N ASN B 162 10.92 -16.29 -4.91
CA ASN B 162 10.08 -17.28 -5.57
C ASN B 162 10.78 -18.62 -5.68
N TRP B 163 12.08 -18.61 -6.01
CA TRP B 163 12.84 -19.83 -6.23
C TRP B 163 13.32 -20.48 -4.93
N ALA B 164 13.16 -19.79 -3.79
CA ALA B 164 13.61 -20.34 -2.53
C ALA B 164 12.97 -21.69 -2.25
N LYS B 165 13.75 -22.57 -1.61
CA LYS B 165 13.30 -23.92 -1.28
C LYS B 165 13.25 -24.14 0.22
N ASN B 166 13.62 -23.16 1.04
CA ASN B 166 13.55 -23.28 2.48
C ASN B 166 13.66 -21.87 3.06
N LEU B 167 13.60 -21.78 4.39
CA LEU B 167 13.60 -20.48 5.04
C LEU B 167 14.94 -19.78 4.87
N LYS B 168 16.05 -20.52 4.97
CA LYS B 168 17.37 -19.91 4.83
C LYS B 168 17.51 -19.21 3.49
N GLU B 169 17.06 -19.86 2.41
CA GLU B 169 17.11 -19.24 1.09
C GLU B 169 16.12 -18.09 0.99
N PHE B 170 14.95 -18.23 1.61
CA PHE B 170 13.99 -17.12 1.62
C PHE B 170 14.54 -15.92 2.38
N GLU B 171 15.18 -16.16 3.52
CA GLU B 171 15.78 -15.06 4.27
C GLU B 171 16.95 -14.45 3.51
N ASN B 172 17.72 -15.26 2.78
CA ASN B 172 18.80 -14.70 1.98
C ASN B 172 18.26 -13.77 0.90
N ALA B 173 17.11 -14.10 0.33
CA ALA B 173 16.49 -13.21 -0.64
C ALA B 173 15.98 -11.94 0.03
N ALA B 174 15.33 -12.06 1.19
CA ALA B 174 14.89 -10.88 1.93
C ALA B 174 16.08 -10.02 2.32
N SER B 175 17.25 -10.63 2.54
CA SER B 175 18.45 -9.86 2.85
C SER B 175 18.81 -8.93 1.70
N GLU B 176 18.59 -9.38 0.47
CA GLU B 176 19.00 -8.62 -0.70
C GLU B 176 17.97 -7.57 -1.13
N TYR B 177 16.71 -7.74 -0.75
CA TYR B 177 15.68 -6.80 -1.16
C TYR B 177 15.90 -5.47 -0.44
N THR B 178 15.96 -4.38 -1.21
CA THR B 178 16.46 -3.11 -0.70
C THR B 178 15.37 -2.10 -0.34
N MET B 179 14.13 -2.31 -0.76
CA MET B 179 13.06 -1.35 -0.53
C MET B 179 12.21 -1.76 0.67
N SER B 180 11.37 -0.83 1.10
CA SER B 180 10.63 -0.95 2.37
C SER B 180 9.35 -1.72 2.15
N LEU B 181 9.37 -3.01 2.47
CA LEU B 181 8.18 -3.85 2.47
C LEU B 181 8.15 -4.68 3.75
N ASN B 182 7.04 -5.37 3.94
CA ASN B 182 6.91 -6.39 4.98
C ASN B 182 6.67 -7.72 4.28
N TRP B 183 7.50 -8.70 4.58
CA TRP B 183 7.39 -10.03 3.97
C TRP B 183 6.88 -11.02 5.01
N TYR B 184 6.11 -11.99 4.54
CA TYR B 184 5.47 -12.97 5.40
C TYR B 184 5.71 -14.36 4.82
N TYR B 185 5.82 -15.35 5.71
CA TYR B 185 6.34 -16.66 5.34
C TYR B 185 5.68 -17.73 6.21
N ALA B 186 5.35 -18.86 5.59
CA ALA B 186 4.74 -19.99 6.29
C ALA B 186 5.16 -21.28 5.60
N ASP B 187 5.59 -22.26 6.40
CA ASP B 187 6.19 -23.49 5.90
C ASP B 187 5.19 -24.64 5.82
N LYS B 188 5.59 -25.68 5.08
CA LYS B 188 4.91 -26.97 5.11
C LYS B 188 5.13 -27.70 6.42
N LYS B 189 6.07 -27.24 7.24
CA LYS B 189 6.43 -27.90 8.49
C LYS B 189 5.96 -27.10 9.70
N GLY B 190 5.11 -26.09 9.50
CA GLY B 190 4.48 -25.39 10.59
C GLY B 190 5.16 -24.10 11.02
N ASP B 191 6.29 -23.77 10.44
CA ASP B 191 7.02 -22.56 10.81
C ASP B 191 6.49 -21.35 10.07
N ILE B 192 6.50 -20.21 10.75
CA ILE B 192 6.14 -18.93 10.15
C ILE B 192 7.24 -17.93 10.49
N ALA B 193 7.35 -16.90 9.65
CA ALA B 193 8.37 -15.88 9.83
C ALA B 193 7.86 -14.56 9.27
N TYR B 194 8.39 -13.47 9.81
CA TYR B 194 8.02 -12.12 9.39
C TYR B 194 9.28 -11.29 9.27
N TYR B 195 9.37 -10.51 8.20
CA TYR B 195 10.54 -9.69 7.93
C TYR B 195 10.11 -8.30 7.47
N HIS B 196 10.73 -7.27 8.03
CA HIS B 196 10.53 -5.89 7.60
C HIS B 196 11.72 -5.54 6.70
N VAL B 197 11.65 -6.01 5.47
CA VAL B 197 12.78 -5.93 4.53
C VAL B 197 13.05 -4.47 4.17
N GLY B 198 14.13 -4.24 3.46
CA GLY B 198 14.54 -2.91 3.05
C GLY B 198 15.84 -2.51 3.74
N ARG B 199 16.69 -1.80 3.00
CA ARG B 199 17.95 -1.30 3.55
C ARG B 199 17.70 0.08 4.15
N TYR B 200 17.90 0.19 5.46
CA TYR B 200 17.55 1.40 6.17
C TYR B 200 18.79 2.16 6.59
N PRO B 201 18.92 3.44 6.22
CA PRO B 201 20.18 4.14 6.45
C PRO B 201 20.47 4.35 7.92
N VAL B 202 21.75 4.57 8.20
CA VAL B 202 22.22 4.90 9.54
C VAL B 202 22.30 6.41 9.62
N ARG B 203 21.40 7.02 10.38
CA ARG B 203 21.24 8.46 10.40
C ARG B 203 22.02 9.08 11.55
N ASN B 204 22.35 10.36 11.38
CA ASN B 204 22.97 11.13 12.46
C ASN B 204 22.02 11.24 13.63
N SER B 205 22.53 10.93 14.83
CA SER B 205 21.69 10.93 16.03
C SER B 205 21.37 12.34 16.53
N LYS B 206 21.99 13.37 15.98
CA LYS B 206 21.82 14.73 16.46
C LYS B 206 20.80 15.54 15.66
N ILE B 207 20.15 14.94 14.67
CA ILE B 207 19.18 15.65 13.85
C ILE B 207 17.79 15.07 14.11
N ASP B 208 16.78 15.72 13.52
CA ASP B 208 15.36 15.38 13.72
C ASP B 208 14.87 14.65 12.47
N GLU B 209 14.52 13.37 12.63
CA GLU B 209 14.12 12.55 11.50
C GLU B 209 12.73 12.90 10.98
N ARG B 210 11.99 13.77 11.66
CA ARG B 210 10.66 14.17 11.21
C ARG B 210 10.71 15.30 10.19
N ILE B 211 11.80 16.05 10.13
CA ILE B 211 11.90 17.21 9.25
C ILE B 211 13.17 17.10 8.42
N PRO B 212 13.33 17.89 7.37
CA PRO B 212 14.51 17.74 6.51
C PRO B 212 15.82 17.85 7.30
N THR B 213 16.84 17.16 6.79
CA THR B 213 18.20 17.13 7.33
C THR B 213 19.05 18.20 6.66
N PRO B 214 19.84 18.97 7.42
CA PRO B 214 20.76 19.91 6.76
C PRO B 214 21.69 19.17 5.81
N GLY B 215 21.99 19.83 4.69
CA GLY B 215 22.83 19.22 3.67
C GLY B 215 24.23 19.78 3.62
N THR B 216 24.69 20.35 4.73
CA THR B 216 26.02 20.94 4.78
C THR B 216 27.13 19.90 4.80
N GLY B 217 26.79 18.62 5.02
CA GLY B 217 27.76 17.55 4.98
C GLY B 217 28.15 16.98 6.34
N GLU B 218 27.61 17.51 7.43
CA GLU B 218 27.95 17.04 8.77
C GLU B 218 26.83 16.21 9.40
N TYR B 219 25.83 15.81 8.62
CA TYR B 219 24.74 14.98 9.13
C TYR B 219 24.38 13.88 8.13
N GLU B 220 25.34 13.45 7.32
CA GLU B 220 25.08 12.50 6.26
C GLU B 220 24.83 11.10 6.82
N TRP B 221 24.19 10.28 5.98
CA TRP B 221 24.09 8.86 6.28
C TRP B 221 25.48 8.27 6.45
N LYS B 222 25.56 7.20 7.23
CA LYS B 222 26.81 6.48 7.42
C LYS B 222 26.53 4.98 7.29
N GLY B 223 26.30 4.56 6.05
CA GLY B 223 26.03 3.18 5.77
C GLY B 223 24.56 2.82 5.93
N PHE B 224 24.31 1.52 5.93
CA PHE B 224 22.96 0.98 6.06
C PHE B 224 22.93 -0.05 7.19
N ILE B 225 21.86 0.01 7.96
CA ILE B 225 21.63 -0.92 9.06
C ILE B 225 21.81 -2.34 8.56
N PRO B 226 22.56 -3.20 9.25
CA PRO B 226 22.66 -4.59 8.81
C PRO B 226 21.30 -5.27 8.89
N PHE B 227 21.05 -6.17 7.92
CA PHE B 227 19.73 -6.80 7.82
C PHE B 227 19.31 -7.46 9.13
N LYS B 228 20.27 -7.92 9.92
CA LYS B 228 19.92 -8.62 11.16
C LYS B 228 19.27 -7.70 12.19
N GLU B 229 19.40 -6.38 12.02
CA GLU B 229 18.80 -5.43 12.94
C GLU B 229 17.42 -4.96 12.48
N ASN B 230 16.98 -5.37 11.28
CA ASN B 230 15.63 -5.07 10.85
C ASN B 230 14.63 -5.85 11.71
N PRO B 231 13.42 -5.30 11.89
CA PRO B 231 12.39 -6.08 12.59
C PRO B 231 12.10 -7.40 11.89
N HIS B 232 12.05 -8.46 12.67
CA HIS B 232 11.74 -9.79 12.15
C HIS B 232 11.53 -10.73 13.32
N VAL B 233 10.89 -11.86 13.05
CA VAL B 233 10.62 -12.85 14.08
C VAL B 233 10.35 -14.19 13.40
N ILE B 234 10.94 -15.24 13.97
CA ILE B 234 10.76 -16.61 13.47
C ILE B 234 10.03 -17.39 14.54
N ASN B 235 8.82 -17.85 14.22
CA ASN B 235 8.01 -18.59 15.17
C ASN B 235 7.90 -17.84 16.49
N PRO B 236 7.09 -16.79 16.55
CA PRO B 236 6.90 -16.08 17.82
C PRO B 236 6.00 -16.86 18.76
N LYS B 237 6.31 -16.77 20.05
CA LYS B 237 5.61 -17.56 21.05
C LYS B 237 4.10 -17.37 20.97
N ASN B 238 3.65 -16.14 20.70
CA ASN B 238 2.22 -15.89 20.61
C ASN B 238 1.56 -16.72 19.51
N GLY B 239 2.33 -17.19 18.53
CA GLY B 239 1.85 -18.13 17.55
C GLY B 239 1.48 -17.53 16.21
N TYR B 240 1.48 -16.21 16.08
CA TYR B 240 1.01 -15.59 14.85
C TYR B 240 1.62 -14.21 14.71
N VAL B 241 1.53 -13.68 13.49
CA VAL B 241 1.93 -12.31 13.20
C VAL B 241 0.86 -11.69 12.31
N VAL B 242 0.31 -10.55 12.74
CA VAL B 242 -0.63 -9.78 11.94
C VAL B 242 -0.03 -8.41 11.69
N ASN B 243 -0.60 -7.71 10.70
CA ASN B 243 -0.10 -6.41 10.31
C ASN B 243 -1.17 -5.70 9.49
N TRP B 244 -1.25 -4.38 9.67
CA TRP B 244 -2.12 -3.54 8.84
C TRP B 244 -1.56 -2.12 8.80
N ASN B 245 -0.26 -2.00 8.50
CA ASN B 245 0.45 -0.72 8.49
C ASN B 245 0.57 -0.17 9.90
N ASN B 246 1.47 -0.76 10.69
CA ASN B 246 1.62 -0.41 12.09
C ASN B 246 3.10 -0.55 12.46
N LYS B 247 3.42 -0.25 13.71
CA LYS B 247 4.80 -0.34 14.18
C LYS B 247 5.26 -1.80 14.09
N PRO B 248 6.36 -2.10 13.39
CA PRO B 248 6.82 -3.50 13.35
C PRO B 248 7.19 -4.06 14.71
N SER B 249 7.95 -3.30 15.50
CA SER B 249 8.37 -3.74 16.82
C SER B 249 8.52 -2.53 17.73
N LYS B 250 8.37 -2.76 19.04
CA LYS B 250 8.49 -1.69 20.01
C LYS B 250 9.75 -0.86 19.78
N GLU B 251 10.83 -1.50 19.35
CA GLU B 251 12.11 -0.84 19.17
C GLU B 251 12.15 0.04 17.92
N TRP B 252 11.29 -0.22 16.93
CA TRP B 252 11.43 0.40 15.62
C TRP B 252 10.82 1.79 15.60
N VAL B 253 11.55 2.74 15.01
CA VAL B 253 11.12 4.13 14.91
C VAL B 253 10.93 4.46 13.43
N ASN B 254 10.09 5.47 13.18
CA ASN B 254 9.58 5.75 11.84
C ASN B 254 9.90 7.14 11.31
N GLY B 255 10.15 8.12 12.16
CA GLY B 255 10.47 9.46 11.70
C GLY B 255 9.29 10.22 11.16
N GLU B 256 9.38 10.64 9.89
CA GLU B 256 8.35 11.47 9.28
C GLU B 256 6.97 10.82 9.35
N TYR B 257 6.91 9.49 9.41
CA TYR B 257 5.65 8.75 9.33
C TYR B 257 5.22 8.22 10.70
N SER B 258 5.63 8.87 11.79
CA SER B 258 5.33 8.35 13.11
C SER B 258 3.83 8.28 13.36
N PHE B 259 3.08 9.25 12.84
CA PHE B 259 1.65 9.32 13.13
C PHE B 259 0.85 8.22 12.46
N TYR B 260 1.49 7.35 11.67
CA TYR B 260 0.82 6.16 11.18
C TYR B 260 0.81 5.04 12.21
N TRP B 261 1.79 5.02 13.12
CA TRP B 261 1.96 3.96 14.11
C TRP B 261 1.71 4.54 15.50
N GLY B 262 0.44 4.49 15.95
CA GLY B 262 0.06 5.07 17.22
C GLY B 262 -0.72 4.08 18.06
N GLU B 263 -1.01 4.50 19.29
CA GLU B 263 -1.74 3.64 20.22
C GLU B 263 -3.07 3.17 19.63
N ASP B 264 -3.71 4.00 18.81
CA ASP B 264 -4.93 3.62 18.10
C ASP B 264 -4.54 3.30 16.66
N ASN B 265 -4.32 2.01 16.38
CA ASN B 265 -4.03 1.54 15.04
C ASN B 265 -5.00 0.44 14.67
N ARG B 266 -5.40 0.40 13.38
CA ARG B 266 -6.44 -0.51 12.94
C ARG B 266 -6.03 -1.97 13.01
N VAL B 267 -4.73 -2.25 13.12
CA VAL B 267 -4.29 -3.64 13.25
C VAL B 267 -4.92 -4.29 14.48
N GLN B 268 -5.31 -3.49 15.46
CA GLN B 268 -5.94 -4.03 16.66
C GLN B 268 -7.19 -4.83 16.33
N GLN B 269 -7.83 -4.55 15.19
CA GLN B 269 -8.96 -5.36 14.76
C GLN B 269 -8.53 -6.80 14.50
N TYR B 270 -7.36 -6.99 13.88
CA TYR B 270 -6.86 -8.34 13.63
C TYR B 270 -6.33 -8.98 14.90
N ILE B 271 -5.72 -8.19 15.79
CA ILE B 271 -5.25 -8.74 17.06
C ILE B 271 -6.45 -9.19 17.90
N ASN B 272 -7.50 -8.37 17.97
CA ASN B 272 -8.69 -8.74 18.72
C ASN B 272 -9.23 -10.09 18.25
N GLY B 273 -9.27 -10.32 16.94
CA GLY B 273 -9.80 -11.56 16.43
C GLY B 273 -8.93 -12.76 16.78
N MET B 274 -7.61 -12.58 16.77
CA MET B 274 -6.73 -13.68 17.11
C MET B 274 -6.75 -13.96 18.61
N GLU B 275 -6.86 -12.92 19.43
CA GLU B 275 -6.87 -13.10 20.88
C GLU B 275 -8.20 -13.63 21.39
N ALA B 276 -9.31 -13.23 20.75
CA ALA B 276 -10.62 -13.72 21.17
C ALA B 276 -10.81 -15.20 20.85
N ARG B 277 -10.01 -15.75 19.94
CA ARG B 277 -10.12 -17.14 19.53
C ARG B 277 -8.94 -17.95 20.09
N GLY B 278 -9.10 -19.27 20.06
CA GLY B 278 -8.03 -20.16 20.43
C GLY B 278 -7.20 -20.53 19.21
N LYS B 279 -7.21 -21.81 18.84
CA LYS B 279 -6.59 -22.23 17.59
C LYS B 279 -7.55 -21.92 16.45
N VAL B 280 -7.03 -21.26 15.42
CA VAL B 280 -7.88 -20.65 14.42
C VAL B 280 -7.76 -21.41 13.10
N THR B 281 -8.70 -21.13 12.19
CA THR B 281 -8.71 -21.70 10.85
C THR B 281 -8.72 -20.58 9.82
N LEU B 282 -8.70 -20.96 8.53
CA LEU B 282 -8.75 -19.96 7.48
C LEU B 282 -10.03 -19.14 7.58
N GLU B 283 -11.18 -19.80 7.70
CA GLU B 283 -12.44 -19.09 7.79
C GLU B 283 -12.42 -18.11 8.96
N ASP B 284 -11.79 -18.48 10.08
CA ASP B 284 -11.63 -17.53 11.17
C ASP B 284 -10.91 -16.28 10.70
N ILE B 285 -9.87 -16.45 9.87
CA ILE B 285 -9.19 -15.31 9.27
C ILE B 285 -10.15 -14.57 8.34
N ASN B 286 -10.92 -15.32 7.54
CA ASN B 286 -11.94 -14.69 6.70
C ASN B 286 -12.94 -13.91 7.54
N GLU B 287 -13.35 -14.48 8.69
CA GLU B 287 -14.25 -13.77 9.59
C GLU B 287 -13.63 -12.47 10.08
N ILE B 288 -12.33 -12.50 10.41
CA ILE B 288 -11.67 -11.29 10.88
C ILE B 288 -11.52 -10.29 9.74
N ASN B 289 -11.31 -10.77 8.51
CA ASN B 289 -11.26 -9.89 7.36
C ASN B 289 -12.58 -9.16 7.18
N TYR B 290 -13.70 -9.86 7.37
CA TYR B 290 -15.01 -9.22 7.32
C TYR B 290 -15.09 -8.11 8.35
N THR B 291 -14.85 -8.44 9.62
CA THR B 291 -14.84 -7.44 10.68
C THR B 291 -13.97 -6.25 10.30
N ALA B 292 -12.75 -6.52 9.84
CA ALA B 292 -11.83 -5.45 9.47
C ALA B 292 -12.39 -4.60 8.33
N SER B 293 -13.05 -5.23 7.36
CA SER B 293 -13.53 -4.53 6.18
C SER B 293 -14.71 -3.62 6.46
N PHE B 294 -15.38 -3.79 7.61
CA PHE B 294 -16.54 -2.98 7.95
C PHE B 294 -16.41 -2.32 9.32
N ALA B 295 -15.26 -2.44 9.97
CA ALA B 295 -15.11 -1.94 11.33
C ALA B 295 -15.21 -0.43 11.37
N GLN B 296 -16.06 0.09 12.26
CA GLN B 296 -15.99 1.48 12.68
C GLN B 296 -14.79 1.63 13.59
N LEU B 297 -13.62 1.93 13.00
CA LEU B 297 -12.36 1.83 13.73
C LEU B 297 -12.37 2.64 15.01
N ARG B 298 -13.05 3.79 15.03
CA ARG B 298 -13.12 4.59 16.24
C ARG B 298 -13.82 3.85 17.37
N ALA B 299 -14.74 2.94 17.04
CA ALA B 299 -15.52 2.24 18.05
C ALA B 299 -14.69 1.24 18.84
N ASN B 300 -13.55 0.79 18.30
CA ASN B 300 -12.76 -0.22 19.00
C ASN B 300 -12.28 0.27 20.35
N LEU B 301 -11.78 1.51 20.40
CA LEU B 301 -11.25 2.08 21.63
C LEU B 301 -12.16 3.14 22.25
N PHE B 302 -12.82 3.96 21.44
CA PHE B 302 -13.54 5.10 21.99
C PHE B 302 -14.91 4.74 22.52
N LYS B 303 -15.55 3.68 21.99
CA LYS B 303 -16.90 3.35 22.45
C LYS B 303 -16.90 3.04 23.94
N GLN B 304 -15.86 2.36 24.44
CA GLN B 304 -15.80 2.09 25.86
C GLN B 304 -15.58 3.37 26.65
N LEU B 305 -14.77 4.30 26.12
CA LEU B 305 -14.62 5.59 26.76
C LEU B 305 -15.93 6.37 26.75
N LEU B 306 -16.81 6.08 25.79
CA LEU B 306 -18.10 6.75 25.72
C LEU B 306 -19.11 6.09 26.65
N ILE B 307 -19.28 4.77 26.54
CA ILE B 307 -20.24 4.04 27.37
C ILE B 307 -20.01 4.35 28.84
N ASP B 308 -18.75 4.44 29.26
CA ASP B 308 -18.45 4.74 30.66
C ASP B 308 -19.02 6.09 31.05
N VAL B 309 -18.64 7.16 30.35
CA VAL B 309 -19.11 8.50 30.68
C VAL B 309 -20.64 8.51 30.76
N LEU B 310 -21.31 7.90 29.78
CA LEU B 310 -22.76 7.85 29.80
C LEU B 310 -23.28 7.10 31.02
N ASP B 311 -22.56 6.05 31.44
CA ASP B 311 -23.01 5.27 32.58
C ASP B 311 -22.87 6.05 33.88
N LYS B 312 -21.80 6.86 34.01
CA LYS B 312 -21.63 7.65 35.22
C LYS B 312 -22.64 8.78 35.32
N ASN B 313 -23.25 9.17 34.20
CA ASN B 313 -24.31 10.16 34.17
C ASN B 313 -25.64 9.53 33.76
N LYS B 314 -25.80 8.23 34.00
CA LYS B 314 -27.00 7.51 33.61
C LYS B 314 -28.25 8.15 34.20
N SER B 315 -28.15 8.74 35.38
CA SER B 315 -29.30 9.30 36.07
C SER B 315 -29.59 10.74 35.69
N THR B 316 -28.63 11.44 35.10
CA THR B 316 -28.80 12.85 34.79
C THR B 316 -29.34 13.10 33.39
N ASN B 317 -29.46 12.06 32.55
CA ASN B 317 -29.95 12.22 31.19
C ASN B 317 -30.68 10.96 30.79
N GLY B 318 -32.00 11.07 30.56
CA GLY B 318 -32.79 9.89 30.25
C GLY B 318 -32.38 9.21 28.96
N ASN B 319 -31.83 9.97 28.00
CA ASN B 319 -31.43 9.38 26.74
C ASN B 319 -30.25 8.41 26.90
N TYR B 320 -29.50 8.52 27.99
CA TYR B 320 -28.26 7.75 28.11
C TYR B 320 -28.54 6.27 28.33
N ILE B 321 -29.63 5.93 29.03
CA ILE B 321 -29.97 4.52 29.21
C ILE B 321 -30.12 3.84 27.85
N TYR B 322 -30.77 4.53 26.90
CA TYR B 322 -30.97 3.98 25.57
C TYR B 322 -29.66 3.92 24.80
N LEU B 323 -28.90 5.02 24.79
CA LEU B 323 -27.62 5.03 24.09
C LEU B 323 -26.71 3.92 24.61
N ILE B 324 -26.58 3.81 25.93
CA ILE B 324 -25.75 2.75 26.51
C ILE B 324 -26.18 1.40 25.98
N GLU B 325 -27.50 1.15 25.99
CA GLU B 325 -28.00 -0.14 25.53
C GLU B 325 -27.65 -0.38 24.07
N LYS B 326 -27.90 0.60 23.21
CA LYS B 326 -27.64 0.41 21.78
C LYS B 326 -26.15 0.38 21.48
N LEU B 327 -25.33 1.03 22.31
CA LEU B 327 -23.90 1.02 22.11
C LEU B 327 -23.29 -0.32 22.51
N GLU B 328 -23.67 -0.83 23.70
CA GLU B 328 -23.20 -2.15 24.11
C GLU B 328 -23.68 -3.23 23.15
N GLU B 329 -24.85 -3.03 22.53
CA GLU B 329 -25.42 -4.03 21.65
C GLU B 329 -24.69 -4.07 20.30
N TRP B 330 -24.26 -2.91 19.83
CA TRP B 330 -23.71 -2.78 18.49
C TRP B 330 -22.32 -3.41 18.41
N ASN B 331 -22.02 -4.06 17.29
CA ASN B 331 -20.80 -4.83 17.12
C ASN B 331 -19.66 -4.02 16.49
N ASN B 332 -19.71 -2.70 16.58
CA ASN B 332 -18.64 -1.79 16.22
C ASN B 332 -18.36 -1.71 14.72
N LEU B 333 -19.13 -2.39 13.88
CA LEU B 333 -18.94 -2.31 12.43
C LEU B 333 -20.21 -1.82 11.76
N LYS B 334 -20.04 -1.24 10.57
CA LYS B 334 -21.13 -0.73 9.74
C LYS B 334 -21.27 -1.68 8.55
N GLU B 335 -22.20 -2.62 8.66
CA GLU B 335 -22.42 -3.65 7.65
C GLU B 335 -23.83 -3.57 7.10
N ASP B 336 -24.09 -4.37 6.06
CA ASP B 336 -25.42 -4.47 5.46
C ASP B 336 -25.74 -5.95 5.22
N GLU B 337 -25.76 -6.73 6.31
CA GLU B 337 -26.00 -8.16 6.20
C GLU B 337 -27.41 -8.45 5.72
N ASN B 338 -28.38 -7.61 6.06
CA ASN B 338 -29.77 -7.80 5.62
C ASN B 338 -29.98 -7.45 4.15
N LYS B 339 -28.94 -6.96 3.46
CA LYS B 339 -28.96 -6.74 2.02
C LYS B 339 -30.01 -5.73 1.58
N ASP B 340 -30.51 -4.88 2.49
CA ASP B 340 -31.33 -3.75 2.08
C ASP B 340 -30.40 -2.63 1.62
N GLY B 341 -30.90 -1.40 1.56
CA GLY B 341 -30.09 -0.29 1.10
C GLY B 341 -29.34 0.47 2.17
N TYR B 342 -29.40 -0.01 3.42
CA TYR B 342 -28.93 0.78 4.57
C TYR B 342 -28.11 -0.09 5.50
N TYR B 343 -27.25 0.55 6.29
CA TYR B 343 -26.49 -0.17 7.30
C TYR B 343 -27.43 -0.66 8.40
N ASP B 344 -27.00 -1.71 9.10
CA ASP B 344 -27.86 -2.44 10.01
C ASP B 344 -27.92 -1.86 11.42
N ALA B 345 -27.06 -0.90 11.76
CA ALA B 345 -26.96 -0.41 13.13
C ALA B 345 -26.98 1.13 13.12
N GLY B 346 -28.16 1.71 13.33
CA GLY B 346 -28.26 3.16 13.31
C GLY B 346 -27.40 3.83 14.35
N ILE B 347 -27.07 3.14 15.43
CA ILE B 347 -26.24 3.74 16.47
C ILE B 347 -24.86 4.04 15.93
N ALA B 348 -24.41 3.30 14.92
CA ALA B 348 -23.14 3.62 14.28
C ALA B 348 -23.17 5.01 13.66
N ALA B 349 -24.31 5.38 13.07
CA ALA B 349 -24.47 6.72 12.53
C ALA B 349 -24.30 7.76 13.63
N PHE B 350 -24.99 7.56 14.76
CA PHE B 350 -24.78 8.42 15.92
C PHE B 350 -23.31 8.46 16.33
N PHE B 351 -22.68 7.28 16.41
CA PHE B 351 -21.28 7.23 16.81
C PHE B 351 -20.39 7.96 15.81
N ASP B 352 -20.62 7.75 14.52
CA ASP B 352 -19.91 8.51 13.50
C ASP B 352 -19.89 10.00 13.84
N GLU B 353 -21.07 10.61 13.91
CA GLU B 353 -21.16 12.05 14.13
C GLU B 353 -20.64 12.43 15.50
N TRP B 354 -20.86 11.59 16.51
CA TRP B 354 -20.32 11.85 17.83
C TRP B 354 -18.81 12.07 17.76
N TRP B 355 -18.11 11.16 17.06
CA TRP B 355 -16.67 11.33 16.91
C TRP B 355 -16.34 12.63 16.20
N ASN B 356 -16.92 12.85 15.01
CA ASN B 356 -16.68 14.07 14.27
C ASN B 356 -16.89 15.29 15.16
N ASN B 357 -18.00 15.33 15.89
CA ASN B 357 -18.24 16.42 16.83
C ASN B 357 -17.17 16.44 17.91
N LEU B 358 -16.75 15.28 18.39
CA LEU B 358 -15.76 15.21 19.46
C LEU B 358 -14.39 15.65 18.95
N HIS B 359 -14.00 15.20 17.76
CA HIS B 359 -12.68 15.56 17.23
C HIS B 359 -12.50 17.07 17.14
N ASP B 360 -13.53 17.79 16.68
CA ASP B 360 -13.41 19.23 16.54
C ASP B 360 -13.36 19.92 17.90
N LYS B 361 -14.10 19.42 18.89
CA LYS B 361 -14.05 20.01 20.22
C LYS B 361 -12.68 19.91 20.85
N LEU B 362 -11.83 19.03 20.33
CA LEU B 362 -10.46 18.92 20.82
C LEU B 362 -9.52 19.89 20.10
N PHE B 363 -9.56 19.89 18.76
CA PHE B 363 -8.54 20.54 17.97
C PHE B 363 -9.00 21.77 17.19
N MET B 364 -10.31 22.01 17.08
CA MET B 364 -10.80 23.12 16.27
C MET B 364 -10.19 24.45 16.71
N ASP B 365 -10.15 24.70 18.02
CA ASP B 365 -9.70 26.00 18.51
C ASP B 365 -8.26 26.29 18.11
N GLU B 366 -7.37 25.30 18.25
CA GLU B 366 -5.95 25.51 18.02
CA GLU B 366 -5.95 25.51 18.02
C GLU B 366 -5.47 25.12 16.64
N LEU B 367 -6.15 24.17 15.97
CA LEU B 367 -5.73 23.72 14.66
C LEU B 367 -6.78 23.97 13.58
N GLY B 368 -7.86 24.69 13.90
CA GLY B 368 -8.95 24.85 12.95
C GLY B 368 -8.51 25.46 11.63
N ASP B 369 -7.67 26.50 11.70
CA ASP B 369 -7.19 27.16 10.49
C ASP B 369 -6.10 26.36 9.78
N PHE B 370 -5.83 25.14 10.20
CA PHE B 370 -4.81 24.30 9.58
C PHE B 370 -5.29 22.88 9.31
N TYR B 371 -6.60 22.63 9.42
CA TYR B 371 -7.13 21.30 9.16
C TYR B 371 -6.70 20.79 7.79
N GLY B 372 -6.53 21.69 6.82
CA GLY B 372 -6.12 21.26 5.49
C GLY B 372 -4.83 20.47 5.48
N ILE B 373 -3.98 20.68 6.49
CA ILE B 373 -2.69 20.01 6.56
C ILE B 373 -2.48 19.24 7.85
N THR B 374 -3.35 19.41 8.86
CA THR B 374 -3.21 18.68 10.11
C THR B 374 -4.33 17.69 10.39
N LYS B 375 -5.53 17.91 9.84
CA LYS B 375 -6.64 17.01 10.18
C LYS B 375 -6.36 15.58 9.74
N GLU B 376 -5.58 15.38 8.67
CA GLU B 376 -5.19 14.03 8.28
C GLU B 376 -4.31 13.37 9.32
N ILE B 377 -3.74 14.16 10.24
CA ILE B 377 -3.02 13.61 11.38
C ILE B 377 -3.96 13.29 12.52
N THR B 378 -4.76 14.28 12.92
CA THR B 378 -5.59 14.15 14.11
C THR B 378 -6.79 13.23 13.87
N ASP B 379 -7.28 13.18 12.64
CA ASP B 379 -8.39 12.30 12.27
C ASP B 379 -7.87 11.25 11.30
N HIS B 380 -6.78 10.57 11.67
CA HIS B 380 -6.04 9.78 10.70
C HIS B 380 -6.82 8.56 10.25
N ARG B 381 -6.51 8.12 9.02
CA ARG B 381 -7.24 7.03 8.37
C ARG B 381 -7.19 5.75 9.20
N TYR B 382 -6.11 5.55 9.96
CA TYR B 382 -5.90 4.31 10.70
C TYR B 382 -6.26 4.43 12.18
N GLY B 383 -6.46 5.63 12.69
CA GLY B 383 -6.81 5.81 14.08
C GLY B 383 -6.58 7.25 14.51
N ALA B 384 -7.01 7.54 15.73
CA ALA B 384 -6.89 8.87 16.34
C ALA B 384 -6.12 8.73 17.65
N SER B 385 -4.83 8.41 17.52
CA SER B 385 -4.03 8.12 18.71
C SER B 385 -4.00 9.30 19.67
N LEU B 386 -3.72 10.49 19.16
CA LEU B 386 -3.65 11.66 20.02
C LEU B 386 -4.96 11.89 20.74
N ALA B 387 -6.07 11.93 20.00
CA ALA B 387 -7.38 12.15 20.61
C ALA B 387 -7.65 11.15 21.72
N TYR B 388 -7.26 9.88 21.52
CA TYR B 388 -7.48 8.87 22.54
C TYR B 388 -6.66 9.16 23.79
N LYS B 389 -5.38 9.50 23.62
CA LYS B 389 -4.53 9.80 24.77
C LYS B 389 -5.07 10.98 25.57
N ILE B 390 -5.73 11.93 24.90
CA ILE B 390 -6.32 13.06 25.62
C ILE B 390 -7.53 12.58 26.43
N LEU B 391 -8.49 11.94 25.76
CA LEU B 391 -9.69 11.49 26.44
C LEU B 391 -9.42 10.36 27.42
N ASN B 392 -8.32 9.64 27.25
CA ASN B 392 -7.97 8.54 28.13
C ASN B 392 -7.12 8.99 29.32
N LYS B 393 -6.97 10.29 29.52
CA LYS B 393 -6.24 10.86 30.65
C LYS B 393 -4.73 10.64 30.55
N GLU B 394 -4.22 10.31 29.37
CA GLU B 394 -2.79 10.11 29.20
C GLU B 394 -2.08 11.45 29.07
N SER B 395 -0.83 11.49 29.51
CA SER B 395 -0.05 12.72 29.44
C SER B 395 0.29 13.07 28.00
N THR B 396 0.21 14.36 27.68
CA THR B 396 0.58 14.87 26.38
C THR B 396 1.55 16.03 26.55
N ASN B 397 2.32 16.30 25.49
CA ASN B 397 3.27 17.40 25.54
C ASN B 397 2.57 18.75 25.63
N TYR B 398 1.41 18.89 25.00
CA TYR B 398 0.64 20.12 25.03
C TYR B 398 -0.71 19.88 25.70
N LYS B 399 -1.17 20.89 26.42
CA LYS B 399 -2.43 20.83 27.17
C LYS B 399 -3.56 21.23 26.23
N TRP B 400 -4.14 20.23 25.55
CA TRP B 400 -5.13 20.51 24.51
C TRP B 400 -6.45 20.97 25.12
N VAL B 401 -7.00 20.19 26.04
CA VAL B 401 -8.30 20.49 26.64
C VAL B 401 -8.09 21.26 27.93
N ASN B 402 -8.96 22.24 28.18
CA ASN B 402 -8.93 23.03 29.40
C ASN B 402 -10.10 22.70 30.32
N VAL B 403 -10.82 21.61 30.06
CA VAL B 403 -11.93 21.16 30.89
C VAL B 403 -11.79 19.65 31.09
N ASP B 404 -12.77 19.06 31.77
CA ASP B 404 -12.75 17.64 32.05
C ASP B 404 -13.18 16.85 30.81
N GLN B 405 -12.73 15.60 30.75
CA GLN B 405 -12.96 14.78 29.57
C GLN B 405 -14.42 14.37 29.45
N GLU B 406 -15.08 14.11 30.58
CA GLU B 406 -16.48 13.69 30.54
C GLU B 406 -17.39 14.80 30.05
N LYS B 407 -17.06 16.06 30.36
CA LYS B 407 -17.87 17.18 29.91
C LYS B 407 -17.93 17.23 28.39
N ILE B 408 -16.79 17.05 27.73
CA ILE B 408 -16.76 17.09 26.27
C ILE B 408 -17.49 15.88 25.69
N ILE B 409 -17.23 14.70 26.24
CA ILE B 409 -17.88 13.49 25.74
C ILE B 409 -19.39 13.62 25.80
N MET B 410 -19.90 14.27 26.85
CA MET B 410 -21.35 14.50 26.95
C MET B 410 -21.79 15.64 26.04
N GLU B 411 -20.99 16.70 25.93
CA GLU B 411 -21.32 17.80 25.02
C GLU B 411 -21.48 17.28 23.59
N SER B 412 -20.67 16.30 23.19
CA SER B 412 -20.81 15.71 21.86
C SER B 412 -22.02 14.77 21.80
N THR B 413 -22.25 14.00 22.86
CA THR B 413 -23.42 13.12 22.89
C THR B 413 -24.70 13.92 22.74
N ASN B 414 -24.85 14.98 23.53
CA ASN B 414 -26.12 15.71 23.58
C ASN B 414 -26.39 16.43 22.26
N GLU B 415 -25.38 17.10 21.71
CA GLU B 415 -25.57 17.87 20.49
C GLU B 415 -25.92 16.97 19.32
N VAL B 416 -25.22 15.85 19.17
CA VAL B 416 -25.49 14.94 18.06
C VAL B 416 -26.85 14.28 18.22
N LEU B 417 -27.12 13.73 19.40
CA LEU B 417 -28.43 13.12 19.64
C LEU B 417 -29.55 14.13 19.43
N ALA B 418 -29.38 15.35 19.95
CA ALA B 418 -30.37 16.39 19.74
C ALA B 418 -30.62 16.62 18.25
N LYS B 419 -29.55 16.66 17.46
CA LYS B 419 -29.71 16.85 16.02
C LYS B 419 -30.39 15.64 15.39
N LEU B 420 -30.11 14.43 15.89
CA LEU B 420 -30.70 13.24 15.29
C LEU B 420 -32.16 13.06 15.69
N GLN B 421 -32.54 13.50 16.89
CA GLN B 421 -33.92 13.32 17.34
C GLN B 421 -34.88 14.28 16.63
N SER B 422 -34.42 15.47 16.28
CA SER B 422 -35.28 16.45 15.63
C SER B 422 -35.30 16.31 14.11
N GLU B 423 -34.22 15.80 13.53
CA GLU B 423 -34.10 15.71 12.08
C GLU B 423 -34.43 14.33 11.52
N LYS B 424 -34.38 13.28 12.34
CA LYS B 424 -34.64 11.94 11.81
C LYS B 424 -35.69 11.21 12.64
N GLY B 425 -35.39 10.89 13.89
CA GLY B 425 -36.33 10.18 14.73
C GLY B 425 -35.76 9.98 16.11
N LEU B 426 -36.63 9.49 17.00
CA LEU B 426 -36.26 9.30 18.40
C LEU B 426 -35.50 7.99 18.63
N LYS B 427 -35.54 7.05 17.70
CA LYS B 427 -34.96 5.75 17.90
C LYS B 427 -33.95 5.45 16.79
N ALA B 428 -33.08 4.46 17.06
CA ALA B 428 -31.89 4.25 16.25
C ALA B 428 -32.22 3.78 14.84
N GLU B 429 -33.31 3.02 14.67
CA GLU B 429 -33.66 2.52 13.35
C GLU B 429 -33.74 3.64 12.33
N LYS B 430 -34.10 4.85 12.77
CA LYS B 430 -34.26 6.00 11.88
C LYS B 430 -32.97 6.76 11.65
N TRP B 431 -31.85 6.27 12.17
CA TRP B 431 -30.55 6.91 11.94
C TRP B 431 -29.71 6.18 10.91
N ARG B 432 -30.08 4.96 10.55
CA ARG B 432 -29.30 4.17 9.61
C ARG B 432 -29.07 4.96 8.32
N MET B 433 -27.82 4.97 7.86
CA MET B 433 -27.45 5.64 6.62
C MET B 433 -27.50 4.66 5.46
N PRO B 434 -27.72 5.15 4.24
CA PRO B 434 -27.62 4.26 3.07
C PRO B 434 -26.17 3.90 2.77
N ILE B 435 -25.98 2.66 2.32
CA ILE B 435 -24.64 2.14 2.14
C ILE B 435 -23.86 3.00 1.15
N LYS B 436 -22.55 3.08 1.38
CA LYS B 436 -21.64 3.74 0.44
C LYS B 436 -21.08 2.69 -0.52
N THR B 437 -21.19 2.96 -1.81
CA THR B 437 -20.71 2.04 -2.83
C THR B 437 -19.37 2.53 -3.40
N MET B 438 -18.69 1.61 -4.08
CA MET B 438 -17.43 1.90 -4.76
C MET B 438 -17.48 1.26 -6.13
N THR B 439 -16.52 1.65 -6.98
CA THR B 439 -16.41 1.06 -8.31
C THR B 439 -14.94 0.84 -8.63
N PHE B 440 -14.68 -0.18 -9.44
CA PHE B 440 -13.33 -0.43 -9.96
C PHE B 440 -13.07 0.55 -11.09
N GLY B 441 -12.32 1.61 -10.79
CA GLY B 441 -12.17 2.72 -11.72
C GLY B 441 -11.12 2.47 -12.78
N GLU B 442 -10.73 3.56 -13.44
CA GLU B 442 -9.76 3.54 -14.53
C GLU B 442 -8.38 4.06 -14.13
N LYS B 443 -8.28 4.82 -13.05
CA LYS B 443 -7.04 5.42 -12.60
CA LYS B 443 -7.03 5.41 -12.60
C LYS B 443 -6.54 4.71 -11.35
N SER B 444 -5.29 4.26 -11.38
CA SER B 444 -4.69 3.51 -10.29
C SER B 444 -4.06 4.46 -9.27
N LEU B 445 -3.43 3.90 -8.24
CA LEU B 445 -2.72 4.70 -7.26
C LEU B 445 -1.67 5.57 -7.94
N ILE B 446 -0.99 5.03 -8.95
CA ILE B 446 0.11 5.75 -9.58
C ILE B 446 -0.39 6.99 -10.29
N GLY B 447 -1.68 7.05 -10.63
CA GLY B 447 -2.27 8.25 -11.16
C GLY B 447 -2.53 8.27 -12.65
N ILE B 448 -2.25 7.18 -13.35
CA ILE B 448 -2.42 7.15 -14.80
C ILE B 448 -3.65 6.33 -15.18
N PRO B 449 -4.35 6.66 -16.27
CA PRO B 449 -5.44 5.81 -16.75
C PRO B 449 -4.88 4.60 -17.49
N HIS B 450 -5.22 3.40 -17.04
CA HIS B 450 -4.73 2.17 -17.64
C HIS B 450 -5.85 1.32 -18.24
N GLY B 451 -7.02 1.90 -18.43
CA GLY B 451 -8.13 1.15 -19.00
C GLY B 451 -9.41 1.93 -18.90
N TYR B 452 -10.50 1.19 -18.80
CA TYR B 452 -11.83 1.78 -18.77
C TYR B 452 -12.58 1.54 -17.48
N GLY B 453 -12.03 0.75 -16.56
CA GLY B 453 -12.68 0.61 -15.27
C GLY B 453 -14.00 -0.14 -15.37
N SER B 454 -14.82 0.05 -14.34
CA SER B 454 -16.12 -0.59 -14.23
C SER B 454 -17.07 0.35 -13.51
N MET B 455 -18.34 0.31 -13.90
CA MET B 455 -19.37 1.11 -13.28
C MET B 455 -20.16 0.33 -12.23
N THR B 456 -19.87 -0.94 -12.06
CA THR B 456 -20.62 -1.78 -11.13
C THR B 456 -20.45 -1.27 -9.71
N PRO B 457 -21.51 -0.82 -9.04
CA PRO B 457 -21.37 -0.41 -7.64
C PRO B 457 -21.33 -1.62 -6.72
N ILE B 458 -20.35 -1.62 -5.81
CA ILE B 458 -20.27 -2.64 -4.77
C ILE B 458 -19.95 -1.94 -3.45
N ILE B 459 -20.44 -2.53 -2.35
CA ILE B 459 -20.35 -1.87 -1.06
C ILE B 459 -18.90 -1.54 -0.74
N GLU B 460 -18.69 -0.38 -0.11
CA GLU B 460 -17.34 0.03 0.26
C GLU B 460 -16.81 -0.89 1.37
N MET B 461 -15.59 -1.36 1.19
CA MET B 461 -14.97 -2.30 2.13
C MET B 461 -13.52 -1.92 2.36
N ASN B 462 -13.14 -1.81 3.62
CA ASN B 462 -11.73 -1.59 3.97
C ASN B 462 -10.99 -2.93 3.82
N ARG B 463 -10.91 -3.39 2.57
CA ARG B 463 -10.44 -4.73 2.25
C ARG B 463 -9.30 -4.65 1.25
N GLY B 464 -8.49 -5.72 1.21
CA GLY B 464 -7.40 -5.77 0.27
C GLY B 464 -7.90 -5.92 -1.15
N SER B 465 -7.14 -5.34 -2.09
CA SER B 465 -7.43 -5.49 -3.50
C SER B 465 -7.46 -6.96 -3.93
N GLU B 466 -6.96 -7.85 -3.10
CA GLU B 466 -6.92 -9.29 -3.36
C GLU B 466 -6.79 -9.99 -2.03
N ASN B 467 -7.27 -11.23 -1.97
CA ASN B 467 -7.16 -12.04 -0.77
C ASN B 467 -6.74 -13.46 -1.14
N HIS B 468 -5.76 -13.98 -0.42
CA HIS B 468 -5.38 -15.38 -0.48
C HIS B 468 -5.52 -15.99 0.91
N TYR B 469 -6.05 -17.21 0.97
CA TYR B 469 -6.16 -17.97 2.21
C TYR B 469 -5.50 -19.31 1.95
N ILE B 470 -4.28 -19.51 2.47
CA ILE B 470 -3.47 -20.67 2.12
C ILE B 470 -3.13 -21.43 3.40
N GLU B 471 -3.41 -22.73 3.40
CA GLU B 471 -2.98 -23.66 4.44
C GLU B 471 -1.90 -24.55 3.85
N MET B 472 -0.74 -24.61 4.50
CA MET B 472 0.40 -25.38 3.99
C MET B 472 0.35 -26.79 4.58
N THR B 473 -0.44 -27.65 3.93
CA THR B 473 -0.59 -29.02 4.38
C THR B 473 0.66 -29.82 4.04
N PRO B 474 0.82 -31.00 4.65
CA PRO B 474 2.00 -31.83 4.33
C PRO B 474 2.10 -32.21 2.86
N THR B 475 1.04 -32.03 2.08
CA THR B 475 1.03 -32.39 0.67
C THR B 475 1.27 -31.20 -0.26
N GLY B 476 1.26 -29.98 0.28
CA GLY B 476 1.43 -28.79 -0.52
C GLY B 476 0.47 -27.69 -0.11
N PRO B 477 0.59 -26.52 -0.74
CA PRO B 477 -0.29 -25.40 -0.40
C PRO B 477 -1.74 -25.70 -0.76
N SER B 478 -2.65 -25.21 0.07
CA SER B 478 -4.07 -25.47 -0.10
C SER B 478 -4.86 -24.24 0.34
N GLY B 479 -6.05 -24.09 -0.23
CA GLY B 479 -6.93 -23.02 0.20
C GLY B 479 -7.76 -22.37 -0.89
N PHE B 480 -8.04 -21.08 -0.73
CA PHE B 480 -8.92 -20.36 -1.64
C PHE B 480 -8.49 -18.90 -1.69
N ASN B 481 -8.91 -18.20 -2.74
CA ASN B 481 -8.50 -16.83 -2.95
C ASN B 481 -9.50 -16.16 -3.89
N ILE B 482 -9.24 -14.88 -4.18
CA ILE B 482 -10.06 -14.10 -5.08
C ILE B 482 -9.23 -12.92 -5.55
N THR B 483 -9.32 -12.62 -6.85
CA THR B 483 -8.50 -11.56 -7.46
C THR B 483 -9.38 -10.74 -8.38
N PRO B 484 -10.18 -9.83 -7.82
CA PRO B 484 -11.05 -9.00 -8.65
C PRO B 484 -10.26 -7.97 -9.42
N PRO B 485 -10.83 -7.41 -10.50
CA PRO B 485 -12.17 -7.71 -11.02
C PRO B 485 -12.18 -8.94 -11.92
N GLY B 486 -11.03 -9.27 -12.48
CA GLY B 486 -10.92 -10.41 -13.39
C GLY B 486 -9.50 -10.50 -13.89
N GLN B 487 -9.21 -11.63 -14.55
CA GLN B 487 -7.86 -11.89 -15.03
C GLN B 487 -7.52 -11.07 -16.26
N ILE B 488 -8.45 -10.98 -17.21
CA ILE B 488 -8.18 -10.40 -18.53
C ILE B 488 -8.78 -9.00 -18.58
N GLY B 489 -7.97 -8.00 -18.92
CA GLY B 489 -8.43 -6.65 -19.11
C GLY B 489 -8.71 -6.27 -20.55
N PHE B 490 -8.56 -7.20 -21.48
CA PHE B 490 -8.74 -6.91 -22.89
C PHE B 490 -10.16 -6.45 -23.18
N VAL B 491 -10.29 -5.47 -24.07
CA VAL B 491 -11.58 -5.00 -24.56
C VAL B 491 -11.51 -4.94 -26.08
N LYS B 492 -12.34 -5.76 -26.74
CA LYS B 492 -12.35 -5.83 -28.20
C LYS B 492 -12.59 -4.43 -28.79
N LYS B 493 -12.17 -4.26 -30.05
CA LYS B 493 -12.26 -2.95 -30.69
C LYS B 493 -13.69 -2.41 -30.64
N ASP B 494 -14.69 -3.28 -30.80
CA ASP B 494 -16.08 -2.85 -30.77
C ASP B 494 -16.60 -2.58 -29.37
N GLY B 495 -15.78 -2.78 -28.34
CA GLY B 495 -16.16 -2.51 -26.97
C GLY B 495 -16.50 -3.71 -26.13
N THR B 496 -16.52 -4.91 -26.72
CA THR B 496 -16.87 -6.12 -25.98
C THR B 496 -15.75 -6.48 -25.01
N ILE B 497 -16.05 -6.46 -23.70
CA ILE B 497 -15.05 -6.75 -22.69
C ILE B 497 -14.82 -8.27 -22.63
N SER B 498 -13.63 -8.64 -22.16
CA SER B 498 -13.31 -10.04 -21.98
C SER B 498 -14.31 -10.69 -21.02
N ASP B 499 -14.71 -11.93 -21.34
CA ASP B 499 -15.61 -12.66 -20.46
C ASP B 499 -15.02 -12.81 -19.07
N HIS B 500 -13.70 -12.67 -18.92
CA HIS B 500 -13.04 -12.69 -17.62
C HIS B 500 -12.55 -11.29 -17.23
N TYR B 501 -13.34 -10.27 -17.59
CA TYR B 501 -13.04 -8.89 -17.25
C TYR B 501 -13.61 -8.50 -15.89
N ASP B 502 -14.77 -9.04 -15.52
CA ASP B 502 -15.41 -8.70 -14.26
C ASP B 502 -16.08 -9.90 -13.60
N ASP B 503 -15.73 -11.12 -14.00
CA ASP B 503 -16.39 -12.32 -13.50
C ASP B 503 -15.98 -12.70 -12.08
N GLN B 504 -15.17 -11.86 -11.41
CA GLN B 504 -14.80 -12.08 -10.01
C GLN B 504 -15.30 -10.98 -9.08
N LEU B 505 -16.05 -9.99 -9.59
CA LEU B 505 -16.52 -8.91 -8.74
C LEU B 505 -17.58 -9.40 -7.75
N VAL B 506 -18.65 -10.01 -8.27
CA VAL B 506 -19.76 -10.41 -7.43
C VAL B 506 -19.27 -11.26 -6.27
N MET B 507 -18.41 -12.24 -6.56
CA MET B 507 -17.86 -13.08 -5.50
C MET B 507 -17.09 -12.23 -4.48
N PHE B 508 -16.33 -11.25 -4.97
CA PHE B 508 -15.63 -10.34 -4.07
C PHE B 508 -16.62 -9.59 -3.18
N ALA B 509 -17.75 -9.18 -3.74
CA ALA B 509 -18.75 -8.45 -2.96
C ALA B 509 -19.54 -9.41 -2.06
N GLU B 510 -19.85 -10.60 -2.55
CA GLU B 510 -20.62 -11.58 -1.80
C GLU B 510 -19.75 -12.51 -0.96
N TRP B 511 -18.48 -12.15 -0.74
CA TRP B 511 -17.60 -12.86 0.16
C TRP B 511 -17.53 -14.35 -0.18
N LYS B 512 -17.54 -14.63 -1.48
CA LYS B 512 -17.30 -15.97 -2.00
C LYS B 512 -15.93 -16.01 -2.64
N PHE B 513 -15.31 -17.18 -2.63
CA PHE B 513 -13.93 -17.34 -3.10
C PHE B 513 -13.84 -18.50 -4.07
N LYS B 514 -12.88 -18.41 -4.98
CA LYS B 514 -12.58 -19.53 -5.86
C LYS B 514 -11.45 -20.36 -5.28
N PRO B 515 -11.39 -21.66 -5.58
CA PRO B 515 -10.36 -22.51 -4.98
C PRO B 515 -8.98 -22.19 -5.51
N TYR B 516 -8.01 -22.17 -4.60
CA TYR B 516 -6.61 -21.98 -4.95
C TYR B 516 -6.08 -23.27 -5.56
N LEU B 517 -5.63 -23.21 -6.80
CA LEU B 517 -5.20 -24.38 -7.56
C LEU B 517 -3.68 -24.48 -7.56
N PHE B 518 -3.17 -25.70 -7.38
CA PHE B 518 -1.73 -25.91 -7.34
C PHE B 518 -1.32 -27.14 -8.16
N ASN B 519 -1.76 -28.32 -7.73
CA ASN B 519 -1.39 -29.54 -8.44
C ASN B 519 -2.11 -29.61 -9.79
N LYS B 520 -1.52 -30.40 -10.70
CA LYS B 520 -2.02 -30.45 -12.07
C LYS B 520 -3.39 -31.09 -12.16
N LYS B 521 -3.71 -32.03 -11.26
CA LYS B 521 -4.98 -32.73 -11.33
C LYS B 521 -6.16 -31.75 -11.20
N ASP B 522 -6.05 -30.78 -10.29
CA ASP B 522 -7.14 -29.84 -10.07
C ASP B 522 -7.22 -28.81 -11.18
N ILE B 523 -6.07 -28.38 -11.70
CA ILE B 523 -6.07 -27.35 -12.73
C ILE B 523 -6.72 -27.86 -14.01
N ASN B 524 -6.56 -29.15 -14.32
CA ASN B 524 -7.20 -29.72 -15.51
C ASN B 524 -8.71 -29.81 -15.32
N LYS B 525 -9.19 -30.09 -14.10
CA LYS B 525 -10.61 -30.15 -13.85
C LYS B 525 -11.27 -28.78 -13.89
N ALA B 526 -10.50 -27.70 -13.73
CA ALA B 526 -11.07 -26.36 -13.80
C ALA B 526 -11.21 -25.89 -15.25
N ALA B 527 -10.38 -26.38 -16.15
CA ALA B 527 -10.49 -26.03 -17.57
C ALA B 527 -11.66 -26.76 -18.23
#